data_2CIE
# 
_entry.id   2CIE 
# 
_audit_conform.dict_name       mmcif_pdbx.dic 
_audit_conform.dict_version    5.382 
_audit_conform.dict_location   http://mmcif.pdb.org/dictionaries/ascii/mmcif_pdbx.dic 
# 
loop_
_database_2.database_id 
_database_2.database_code 
_database_2.pdbx_database_accession 
_database_2.pdbx_DOI 
PDB   2CIE         pdb_00002cie 10.2210/pdb2cie/pdb 
PDBE  EBI-28236    ?            ?                   
WWPDB D_1290028236 ?            ?                   
# 
loop_
_pdbx_database_related.db_name 
_pdbx_database_related.db_id 
_pdbx_database_related.content_type 
_pdbx_database_related.details 
PDB 1MOG unspecified 'CRYSTAL STRUCTURE OF H. SALINARUM DODECIN'                 
PDB 2CC6 unspecified 'COMPLEXES OF DODECIN WITH FLAVIN AND FLAVIN -LIKE LIGANDS' 
PDB 2CC7 unspecified 'COMPLEXES OF DODECIN WITH FLAVIN AND FLAVIN -LIKE LIGANDS' 
PDB 2CC8 unspecified 'COMPLEXES OF DODECIN WITH FLAVIN AND FLAVIN -LIKE LIGANDS' 
PDB 2CC9 unspecified 'COMPLEXES OF DODECIN WITH FLAVIN AND FLAVIN -LIKE LIGANDS' 
PDB 2CCB unspecified 'COMPLEXES OF DODECIN WITH FLAVIN AND FLAVIN -LIKE LIGANDS' 
PDB 2CCC unspecified 'COMPLEXES OF DODECIN WITH FLAVIN AND FLAVIN -LIKE LIGANDS' 
PDB 2CIF unspecified 'COMPLEXES OF DODECIN WITH FLAVIN AND FLAVIN -LIKE LIGANDS' 
PDB 2CJC unspecified 'COMPLEXES OF DODECIN WITH FLAVIN AND FLAVIN -LIKE LIGANDS' 
# 
_pdbx_database_status.status_code                     REL 
_pdbx_database_status.entry_id                        2CIE 
_pdbx_database_status.deposit_site                    PDBE 
_pdbx_database_status.process_site                    PDBE 
_pdbx_database_status.SG_entry                        . 
_pdbx_database_status.recvd_initial_deposition_date   2006-03-20 
_pdbx_database_status.pdb_format_compatible           Y 
_pdbx_database_status.status_code_sf                  REL 
_pdbx_database_status.status_code_mr                  ? 
_pdbx_database_status.status_code_cs                  ? 
_pdbx_database_status.methods_development_category    ? 
_pdbx_database_status.status_code_nmr_data            ? 
# 
loop_
_audit_author.name 
_audit_author.pdbx_ordinal 
'Grininger, M.'  1 
'Seiler, F.'     2 
'Zeth, K.'       3 
'Oesterhelt, D.' 4 
# 
_citation.id                        primary 
_citation.title                     'Dodecin Sequesters Fad in Closed Conformation from the Aqueous Solution.' 
_citation.journal_abbrev            J.Mol.Biol. 
_citation.journal_volume            364 
_citation.page_first                561 
_citation.page_last                 ? 
_citation.year                      2006 
_citation.journal_id_ASTM           JMOBAK 
_citation.country                   UK 
_citation.journal_id_ISSN           0022-2836 
_citation.journal_id_CSD            0070 
_citation.book_publisher            ? 
_citation.pdbx_database_id_PubMed   17027852 
_citation.pdbx_database_id_DOI      10.1016/J.JMB.2006.08.083 
# 
loop_
_citation_author.citation_id 
_citation_author.name 
_citation_author.ordinal 
_citation_author.identifier_ORCID 
primary 'Grininger, M.'  1 ? 
primary 'Seiler, F.'     2 ? 
primary 'Zeth, K.'       3 ? 
primary 'Oesterhelt, D.' 4 ? 
# 
_cell.entry_id           2CIE 
_cell.length_a           142.390 
_cell.length_b           142.390 
_cell.length_c           142.390 
_cell.angle_alpha        90.00 
_cell.angle_beta         90.00 
_cell.angle_gamma        90.00 
_cell.Z_PDB              96 
_cell.pdbx_unique_axis   ? 
# 
_symmetry.entry_id                         2CIE 
_symmetry.space_group_name_H-M             'F 41 3 2' 
_symmetry.pdbx_full_space_group_name_H-M   ? 
_symmetry.cell_setting                     ? 
_symmetry.Int_Tables_number                210 
# 
loop_
_entity.id 
_entity.type 
_entity.src_method 
_entity.pdbx_description 
_entity.formula_weight 
_entity.pdbx_number_of_molecules 
_entity.pdbx_ec 
_entity.pdbx_mutation 
_entity.pdbx_fragment 
_entity.details 
1 polymer     man VNG1446H                      7038.605 1  ? ? ? 'APOPROTEIN CRYSTALS SOAKED WITH FAD' 
2 non-polymer syn 'MAGNESIUM ION'               24.305   2  ? ? ? ?                                     
3 non-polymer syn 'SODIUM ION'                  22.990   1  ? ? ? ?                                     
4 non-polymer syn 'CHLORIDE ION'                35.453   1  ? ? ? ?                                     
5 non-polymer syn 'SULFATE ION'                 96.063   1  ? ? ? ?                                     
6 non-polymer syn 'FLAVIN-ADENINE DINUCLEOTIDE' 785.550  1  ? ? ? ?                                     
7 water       nat water                         18.015   70 ? ? ? ?                                     
# 
_entity_name_com.entity_id   1 
_entity_name_com.name        DODECIN 
# 
_entity_poly.entity_id                      1 
_entity_poly.type                           'polypeptide(L)' 
_entity_poly.nstd_linkage                   no 
_entity_poly.nstd_monomer                   no 
_entity_poly.pdbx_seq_one_letter_code       VFKKVLLTGTSEESFTAAADDAIDRAEDTLDNVVWAEVVDQGVEIGAVEERTYQTEVQVAFELD 
_entity_poly.pdbx_seq_one_letter_code_can   VFKKVLLTGTSEESFTAAADDAIDRAEDTLDNVVWAEVVDQGVEIGAVEERTYQTEVQVAFELD 
_entity_poly.pdbx_strand_id                 A 
_entity_poly.pdbx_target_identifier         ? 
# 
loop_
_entity_poly_seq.entity_id 
_entity_poly_seq.num 
_entity_poly_seq.mon_id 
_entity_poly_seq.hetero 
1 1  VAL n 
1 2  PHE n 
1 3  LYS n 
1 4  LYS n 
1 5  VAL n 
1 6  LEU n 
1 7  LEU n 
1 8  THR n 
1 9  GLY n 
1 10 THR n 
1 11 SER n 
1 12 GLU n 
1 13 GLU n 
1 14 SER n 
1 15 PHE n 
1 16 THR n 
1 17 ALA n 
1 18 ALA n 
1 19 ALA n 
1 20 ASP n 
1 21 ASP n 
1 22 ALA n 
1 23 ILE n 
1 24 ASP n 
1 25 ARG n 
1 26 ALA n 
1 27 GLU n 
1 28 ASP n 
1 29 THR n 
1 30 LEU n 
1 31 ASP n 
1 32 ASN n 
1 33 VAL n 
1 34 VAL n 
1 35 TRP n 
1 36 ALA n 
1 37 GLU n 
1 38 VAL n 
1 39 VAL n 
1 40 ASP n 
1 41 GLN n 
1 42 GLY n 
1 43 VAL n 
1 44 GLU n 
1 45 ILE n 
1 46 GLY n 
1 47 ALA n 
1 48 VAL n 
1 49 GLU n 
1 50 GLU n 
1 51 ARG n 
1 52 THR n 
1 53 TYR n 
1 54 GLN n 
1 55 THR n 
1 56 GLU n 
1 57 VAL n 
1 58 GLN n 
1 59 VAL n 
1 60 ALA n 
1 61 PHE n 
1 62 GLU n 
1 63 LEU n 
1 64 ASP n 
# 
_entity_src_gen.entity_id                          1 
_entity_src_gen.pdbx_src_id                        1 
_entity_src_gen.pdbx_alt_source_flag               sample 
_entity_src_gen.pdbx_seq_type                      ? 
_entity_src_gen.pdbx_beg_seq_num                   ? 
_entity_src_gen.pdbx_end_seq_num                   ? 
_entity_src_gen.gene_src_common_name               ? 
_entity_src_gen.gene_src_genus                     ? 
_entity_src_gen.pdbx_gene_src_gene                 ? 
_entity_src_gen.gene_src_species                   ? 
_entity_src_gen.gene_src_strain                    R1 
_entity_src_gen.gene_src_tissue                    ? 
_entity_src_gen.gene_src_tissue_fraction           ? 
_entity_src_gen.gene_src_details                   ? 
_entity_src_gen.pdbx_gene_src_fragment             ? 
_entity_src_gen.pdbx_gene_src_scientific_name      'HALOBACTERIUM SALINARIUM' 
_entity_src_gen.pdbx_gene_src_ncbi_taxonomy_id     2242 
_entity_src_gen.pdbx_gene_src_variant              ? 
_entity_src_gen.pdbx_gene_src_cell_line            ? 
_entity_src_gen.pdbx_gene_src_atcc                 ? 
_entity_src_gen.pdbx_gene_src_organ                ? 
_entity_src_gen.pdbx_gene_src_organelle            ? 
_entity_src_gen.pdbx_gene_src_cell                 ? 
_entity_src_gen.pdbx_gene_src_cellular_location    ? 
_entity_src_gen.host_org_common_name               ? 
_entity_src_gen.pdbx_host_org_scientific_name      'ESCHERICHIA COLI' 
_entity_src_gen.pdbx_host_org_ncbi_taxonomy_id     469008 
_entity_src_gen.host_org_genus                     ? 
_entity_src_gen.pdbx_host_org_gene                 ? 
_entity_src_gen.pdbx_host_org_organ                ? 
_entity_src_gen.host_org_species                   ? 
_entity_src_gen.pdbx_host_org_tissue               ? 
_entity_src_gen.pdbx_host_org_tissue_fraction      ? 
_entity_src_gen.pdbx_host_org_strain               'BL21(DE3)' 
_entity_src_gen.pdbx_host_org_variant              ? 
_entity_src_gen.pdbx_host_org_cell_line            ? 
_entity_src_gen.pdbx_host_org_atcc                 ? 
_entity_src_gen.pdbx_host_org_culture_collection   ? 
_entity_src_gen.pdbx_host_org_cell                 ? 
_entity_src_gen.pdbx_host_org_organelle            ? 
_entity_src_gen.pdbx_host_org_cellular_location    ? 
_entity_src_gen.pdbx_host_org_vector_type          PLASMID 
_entity_src_gen.pdbx_host_org_vector               ? 
_entity_src_gen.host_org_details                   ? 
_entity_src_gen.expression_system_id               ? 
_entity_src_gen.plasmid_name                       PET22B 
_entity_src_gen.plasmid_details                    ? 
_entity_src_gen.pdbx_description                   'GERMAN COLLECTION OF MICROORGANISMS (DSM 671)' 
# 
_struct_ref.id                         1 
_struct_ref.db_name                    UNP 
_struct_ref.db_code                    Q9HPW4_HALSA 
_struct_ref.entity_id                  1 
_struct_ref.pdbx_seq_one_letter_code   ? 
_struct_ref.pdbx_align_begin           ? 
_struct_ref.pdbx_db_accession          Q9HPW4 
_struct_ref.pdbx_db_isoform            ? 
# 
_struct_ref_seq.align_id                      1 
_struct_ref_seq.ref_id                        1 
_struct_ref_seq.pdbx_PDB_id_code              2CIE 
_struct_ref_seq.pdbx_strand_id                A 
_struct_ref_seq.seq_align_beg                 1 
_struct_ref_seq.pdbx_seq_align_beg_ins_code   ? 
_struct_ref_seq.seq_align_end                 64 
_struct_ref_seq.pdbx_seq_align_end_ins_code   ? 
_struct_ref_seq.pdbx_db_accession             Q9HPW4 
_struct_ref_seq.db_align_beg                  11 
_struct_ref_seq.pdbx_db_align_beg_ins_code    ? 
_struct_ref_seq.db_align_end                  74 
_struct_ref_seq.pdbx_db_align_end_ins_code    ? 
_struct_ref_seq.pdbx_auth_seq_align_beg       2 
_struct_ref_seq.pdbx_auth_seq_align_end       65 
# 
loop_
_chem_comp.id 
_chem_comp.type 
_chem_comp.mon_nstd_flag 
_chem_comp.name 
_chem_comp.pdbx_synonyms 
_chem_comp.formula 
_chem_comp.formula_weight 
ALA 'L-peptide linking' y ALANINE                       ? 'C3 H7 N O2'        89.093  
ARG 'L-peptide linking' y ARGININE                      ? 'C6 H15 N4 O2 1'    175.209 
ASN 'L-peptide linking' y ASPARAGINE                    ? 'C4 H8 N2 O3'       132.118 
ASP 'L-peptide linking' y 'ASPARTIC ACID'               ? 'C4 H7 N O4'        133.103 
CL  non-polymer         . 'CHLORIDE ION'                ? 'Cl -1'             35.453  
FAD non-polymer         . 'FLAVIN-ADENINE DINUCLEOTIDE' ? 'C27 H33 N9 O15 P2' 785.550 
GLN 'L-peptide linking' y GLUTAMINE                     ? 'C5 H10 N2 O3'      146.144 
GLU 'L-peptide linking' y 'GLUTAMIC ACID'               ? 'C5 H9 N O4'        147.129 
GLY 'peptide linking'   y GLYCINE                       ? 'C2 H5 N O2'        75.067  
HOH non-polymer         . WATER                         ? 'H2 O'              18.015  
ILE 'L-peptide linking' y ISOLEUCINE                    ? 'C6 H13 N O2'       131.173 
LEU 'L-peptide linking' y LEUCINE                       ? 'C6 H13 N O2'       131.173 
LYS 'L-peptide linking' y LYSINE                        ? 'C6 H15 N2 O2 1'    147.195 
MG  non-polymer         . 'MAGNESIUM ION'               ? 'Mg 2'              24.305  
NA  non-polymer         . 'SODIUM ION'                  ? 'Na 1'              22.990  
PHE 'L-peptide linking' y PHENYLALANINE                 ? 'C9 H11 N O2'       165.189 
SER 'L-peptide linking' y SERINE                        ? 'C3 H7 N O3'        105.093 
SO4 non-polymer         . 'SULFATE ION'                 ? 'O4 S -2'           96.063  
THR 'L-peptide linking' y THREONINE                     ? 'C4 H9 N O3'        119.119 
TRP 'L-peptide linking' y TRYPTOPHAN                    ? 'C11 H12 N2 O2'     204.225 
TYR 'L-peptide linking' y TYROSINE                      ? 'C9 H11 N O3'       181.189 
VAL 'L-peptide linking' y VALINE                        ? 'C5 H11 N O2'       117.146 
# 
_exptl.entry_id          2CIE 
_exptl.method            'X-RAY DIFFRACTION' 
_exptl.crystals_number   1 
# 
_exptl_crystal.id                    1 
_exptl_crystal.density_meas          ? 
_exptl_crystal.density_Matthews      3.51 
_exptl_crystal.density_percent_sol   64.68 
_exptl_crystal.description           ? 
# 
_exptl_crystal_grow.crystal_id      1 
_exptl_crystal_grow.method          ? 
_exptl_crystal_grow.temp            ? 
_exptl_crystal_grow.temp_details    ? 
_exptl_crystal_grow.pH              7.50 
_exptl_crystal_grow.pdbx_pH_range   ? 
_exptl_crystal_grow.pdbx_details    '0.2 M MGCL2, 2.0 M NACL, 0.1 M NA HEPES PH 7.5 AND 30% PEG400' 
# 
_diffrn.id                     1 
_diffrn.ambient_temp           293.0 
_diffrn.ambient_temp_details   ? 
_diffrn.crystal_id             1 
# 
_diffrn_detector.diffrn_id              1 
_diffrn_detector.detector               CCD 
_diffrn_detector.type                   'ADSC CCD' 
_diffrn_detector.pdbx_collection_date   2005-09-08 
_diffrn_detector.details                MIRRORS 
# 
_diffrn_radiation.diffrn_id                        1 
_diffrn_radiation.wavelength_id                    1 
_diffrn_radiation.pdbx_monochromatic_or_laue_m_l   M 
_diffrn_radiation.monochromator                    ? 
_diffrn_radiation.pdbx_diffrn_protocol             'SINGLE WAVELENGTH' 
_diffrn_radiation.pdbx_scattering_type             x-ray 
# 
_diffrn_radiation_wavelength.id           1 
_diffrn_radiation_wavelength.wavelength   0.9763 
_diffrn_radiation_wavelength.wt           1.0 
# 
_diffrn_source.diffrn_id                   1 
_diffrn_source.source                      SYNCHROTRON 
_diffrn_source.type                        'ESRF BEAMLINE ID23-1' 
_diffrn_source.pdbx_synchrotron_site       ESRF 
_diffrn_source.pdbx_synchrotron_beamline   ID23-1 
_diffrn_source.pdbx_wavelength             0.9763 
_diffrn_source.pdbx_wavelength_list        ? 
# 
_reflns.pdbx_diffrn_id               1 
_reflns.pdbx_ordinal                 1 
_reflns.entry_id                     2CIE 
_reflns.observed_criterion_sigma_I   3.500 
_reflns.observed_criterion_sigma_F   ? 
_reflns.d_resolution_low             20.000 
_reflns.d_resolution_high            1.800 
_reflns.number_obs                   122830 
_reflns.number_all                   ? 
_reflns.percent_possible_obs         99.7 
_reflns.pdbx_Rmerge_I_obs            0.11000 
_reflns.pdbx_Rsym_value              ? 
_reflns.pdbx_netI_over_sigmaI        14.5800 
_reflns.B_iso_Wilson_estimate        ? 
_reflns.pdbx_redundancy              10.270 
# 
_reflns_shell.pdbx_diffrn_id         1 
_reflns_shell.pdbx_ordinal           1 
_reflns_shell.d_res_high             1.80 
_reflns_shell.d_res_low              1.91 
_reflns_shell.percent_possible_all   99.6 
_reflns_shell.Rmerge_I_obs           0.58000 
_reflns_shell.pdbx_Rsym_value        ? 
_reflns_shell.meanI_over_sigI_obs    3.540 
_reflns_shell.pdbx_redundancy        10.29 
# 
_refine.pdbx_refine_id                           'X-RAY DIFFRACTION' 
_refine.entry_id                                 2CIE 
_refine.pdbx_diffrn_id                           1 
_refine.pdbx_TLS_residual_ADP_flag               ? 
_refine.ls_number_reflns_obs                     11369 
_refine.ls_number_reflns_all                     ? 
_refine.pdbx_ls_sigma_I                          ? 
_refine.pdbx_ls_sigma_F                          ? 
_refine.pdbx_data_cutoff_high_absF               ? 
_refine.pdbx_data_cutoff_low_absF                ? 
_refine.pdbx_data_cutoff_high_rms_absF           ? 
_refine.ls_d_res_low                             20.00 
_refine.ls_d_res_high                            1.80 
_refine.ls_percent_reflns_obs                    99.9 
_refine.ls_R_factor_obs                          0.188 
_refine.ls_R_factor_all                          ? 
_refine.ls_R_factor_R_work                       0.187 
_refine.ls_R_factor_R_free                       0.209 
_refine.ls_R_factor_R_free_error                 ? 
_refine.ls_R_factor_R_free_error_details         ? 
_refine.ls_percent_reflns_R_free                 4.800 
_refine.ls_number_reflns_R_free                  571 
_refine.ls_number_parameters                     ? 
_refine.ls_number_restraints                     ? 
_refine.occupancy_min                            ? 
_refine.occupancy_max                            ? 
_refine.correlation_coeff_Fo_to_Fc               0.951 
_refine.correlation_coeff_Fo_to_Fc_free          0.944 
_refine.B_iso_mean                               25.08 
_refine.aniso_B[1][1]                            ? 
_refine.aniso_B[2][2]                            ? 
_refine.aniso_B[3][3]                            ? 
_refine.aniso_B[1][2]                            ? 
_refine.aniso_B[1][3]                            ? 
_refine.aniso_B[2][3]                            ? 
_refine.solvent_model_details                    'BABINET MODEL WITH MASK' 
_refine.solvent_model_param_ksol                 ? 
_refine.solvent_model_param_bsol                 ? 
_refine.pdbx_solvent_vdw_probe_radii             1.20 
_refine.pdbx_solvent_ion_probe_radii             0.80 
_refine.pdbx_solvent_shrinkage_radii             0.80 
_refine.pdbx_ls_cross_valid_method               THROUGHOUT 
_refine.details                                  ? 
_refine.pdbx_starting_model                      'PDB ENTRY 2CC9' 
_refine.pdbx_method_to_determine_struct          'MOLECULAR REPLACEMENT' 
_refine.pdbx_isotropic_thermal_model             ? 
_refine.pdbx_stereochemistry_target_values       'MAXIMUM LIKELIHOOD' 
_refine.pdbx_stereochem_target_val_spec_case     ? 
_refine.pdbx_R_Free_selection_details            RANDOM 
_refine.pdbx_overall_ESU_R                       0.090 
_refine.pdbx_overall_ESU_R_Free                  0.089 
_refine.overall_SU_ML                            ? 
_refine.pdbx_overall_phase_error                 ? 
_refine.overall_SU_B                             ? 
_refine.overall_SU_R_Cruickshank_DPI             ? 
_refine.pdbx_overall_SU_R_free_Cruickshank_DPI   ? 
_refine.pdbx_overall_SU_R_Blow_DPI               ? 
_refine.pdbx_overall_SU_R_free_Blow_DPI          ? 
# 
_refine_hist.pdbx_refine_id                   'X-RAY DIFFRACTION' 
_refine_hist.cycle_id                         LAST 
_refine_hist.pdbx_number_atoms_protein        495 
_refine_hist.pdbx_number_atoms_nucleic_acid   0 
_refine_hist.pdbx_number_atoms_ligand         47 
_refine_hist.number_atoms_solvent             70 
_refine_hist.number_atoms_total               612 
_refine_hist.d_res_high                       1.80 
_refine_hist.d_res_low                        20.00 
# 
loop_
_refine_ls_restr.type 
_refine_ls_restr.dev_ideal 
_refine_ls_restr.dev_ideal_target 
_refine_ls_restr.weight 
_refine_ls_restr.number 
_refine_ls_restr.pdbx_refine_id 
_refine_ls_restr.pdbx_restraint_function 
r_bond_refined_d             0.016  0.022  ? 545 'X-RAY DIFFRACTION' ? 
r_bond_other_d               ?      ?      ? ?   'X-RAY DIFFRACTION' ? 
r_angle_refined_deg          2.146  2.032  ? 747 'X-RAY DIFFRACTION' ? 
r_angle_other_deg            ?      ?      ? ?   'X-RAY DIFFRACTION' ? 
r_dihedral_angle_1_deg       5.997  5.000  ? 63  'X-RAY DIFFRACTION' ? 
r_dihedral_angle_2_deg       33.324 26.667 ? 27  'X-RAY DIFFRACTION' ? 
r_dihedral_angle_3_deg       16.461 15.000 ? 81  'X-RAY DIFFRACTION' ? 
r_dihedral_angle_4_deg       8.849  15.000 ? 2   'X-RAY DIFFRACTION' ? 
r_chiral_restr               0.135  0.200  ? 86  'X-RAY DIFFRACTION' ? 
r_gen_planes_refined         0.008  0.020  ? 410 'X-RAY DIFFRACTION' ? 
r_gen_planes_other           ?      ?      ? ?   'X-RAY DIFFRACTION' ? 
r_nbd_refined                0.197  0.200  ? 179 'X-RAY DIFFRACTION' ? 
r_nbd_other                  ?      ?      ? ?   'X-RAY DIFFRACTION' ? 
r_nbtor_refined              0.302  0.200  ? 379 'X-RAY DIFFRACTION' ? 
r_nbtor_other                ?      ?      ? ?   'X-RAY DIFFRACTION' ? 
r_xyhbond_nbd_refined        0.195  0.200  ? 50  'X-RAY DIFFRACTION' ? 
r_xyhbond_nbd_other          ?      ?      ? ?   'X-RAY DIFFRACTION' ? 
r_metal_ion_refined          0.072  0.200  ? 2   'X-RAY DIFFRACTION' ? 
r_metal_ion_other            ?      ?      ? ?   'X-RAY DIFFRACTION' ? 
r_symmetry_vdw_refined       0.202  0.200  ? 60  'X-RAY DIFFRACTION' ? 
r_symmetry_vdw_other         ?      ?      ? ?   'X-RAY DIFFRACTION' ? 
r_symmetry_hbond_refined     0.223  0.200  ? 19  'X-RAY DIFFRACTION' ? 
r_symmetry_hbond_other       ?      ?      ? ?   'X-RAY DIFFRACTION' ? 
r_symmetry_metal_ion_refined 0.094  0.200  ? 2   'X-RAY DIFFRACTION' ? 
r_symmetry_metal_ion_other   ?      ?      ? ?   'X-RAY DIFFRACTION' ? 
r_mcbond_it                  1.264  1.500  ? 316 'X-RAY DIFFRACTION' ? 
r_mcbond_other               ?      ?      ? ?   'X-RAY DIFFRACTION' ? 
r_mcangle_it                 2.317  2.000  ? 510 'X-RAY DIFFRACTION' ? 
r_mcangle_other              ?      ?      ? ?   'X-RAY DIFFRACTION' ? 
r_scbond_it                  3.199  3.000  ? 229 'X-RAY DIFFRACTION' ? 
r_scbond_other               ?      ?      ? ?   'X-RAY DIFFRACTION' ? 
r_scangle_it                 5.255  4.500  ? 237 'X-RAY DIFFRACTION' ? 
r_scangle_other              ?      ?      ? ?   'X-RAY DIFFRACTION' ? 
r_long_range_B_refined       ?      ?      ? ?   'X-RAY DIFFRACTION' ? 
r_long_range_B_other         ?      ?      ? ?   'X-RAY DIFFRACTION' ? 
r_rigid_bond_restr           ?      ?      ? ?   'X-RAY DIFFRACTION' ? 
r_sphericity_free            ?      ?      ? ?   'X-RAY DIFFRACTION' ? 
r_sphericity_bonded          ?      ?      ? ?   'X-RAY DIFFRACTION' ? 
# 
_refine_ls_shell.pdbx_refine_id                   'X-RAY DIFFRACTION' 
_refine_ls_shell.pdbx_total_number_of_bins_used   20 
_refine_ls_shell.d_res_high                       1.80 
_refine_ls_shell.d_res_low                        1.85 
_refine_ls_shell.number_reflns_R_work             803 
_refine_ls_shell.R_factor_R_work                  0.2320 
_refine_ls_shell.percent_reflns_obs               99.76 
_refine_ls_shell.R_factor_R_free                  0.2280 
_refine_ls_shell.R_factor_R_free_error            ? 
_refine_ls_shell.percent_reflns_R_free            ? 
_refine_ls_shell.number_reflns_R_free             43 
_refine_ls_shell.number_reflns_all                ? 
_refine_ls_shell.R_factor_all                     ? 
# 
_struct.entry_id                  2CIE 
_struct.title                     'Complexes of Dodecin with Flavin and Flavin-like Ligands' 
_struct.pdbx_model_details        ? 
_struct.pdbx_CASP_flag            ? 
_struct.pdbx_model_type_details   ? 
# 
_struct_keywords.entry_id        2CIE 
_struct_keywords.pdbx_keywords   FLAVOPROTEIN 
_struct_keywords.text            FLAVOPROTEIN 
# 
loop_
_struct_asym.id 
_struct_asym.pdbx_blank_PDB_chainid_flag 
_struct_asym.pdbx_modified 
_struct_asym.entity_id 
_struct_asym.details 
A N N 1 ? 
B N N 2 ? 
C N N 2 ? 
D N N 3 ? 
E N N 4 ? 
F N N 5 ? 
G N N 6 ? 
H N N 7 ? 
# 
_struct_biol.id   1 
# 
_struct_conf.conf_type_id            HELX_P 
_struct_conf.id                      HELX_P1 
_struct_conf.pdbx_PDB_helix_id       1 
_struct_conf.beg_label_comp_id       SER 
_struct_conf.beg_label_asym_id       A 
_struct_conf.beg_label_seq_id        14 
_struct_conf.pdbx_beg_PDB_ins_code   ? 
_struct_conf.end_label_comp_id       LEU 
_struct_conf.end_label_asym_id       A 
_struct_conf.end_label_seq_id        30 
_struct_conf.pdbx_end_PDB_ins_code   ? 
_struct_conf.beg_auth_comp_id        SER 
_struct_conf.beg_auth_asym_id        A 
_struct_conf.beg_auth_seq_id         15 
_struct_conf.end_auth_comp_id        LEU 
_struct_conf.end_auth_asym_id        A 
_struct_conf.end_auth_seq_id         31 
_struct_conf.pdbx_PDB_helix_class    1 
_struct_conf.details                 ? 
_struct_conf.pdbx_PDB_helix_length   17 
# 
_struct_conf_type.id          HELX_P 
_struct_conf_type.criteria    ? 
_struct_conf_type.reference   ? 
# 
loop_
_struct_conn.id 
_struct_conn.conn_type_id 
_struct_conn.pdbx_leaving_atom_flag 
_struct_conn.pdbx_PDB_id 
_struct_conn.ptnr1_label_asym_id 
_struct_conn.ptnr1_label_comp_id 
_struct_conn.ptnr1_label_seq_id 
_struct_conn.ptnr1_label_atom_id 
_struct_conn.pdbx_ptnr1_label_alt_id 
_struct_conn.pdbx_ptnr1_PDB_ins_code 
_struct_conn.pdbx_ptnr1_standard_comp_id 
_struct_conn.ptnr1_symmetry 
_struct_conn.ptnr2_label_asym_id 
_struct_conn.ptnr2_label_comp_id 
_struct_conn.ptnr2_label_seq_id 
_struct_conn.ptnr2_label_atom_id 
_struct_conn.pdbx_ptnr2_label_alt_id 
_struct_conn.pdbx_ptnr2_PDB_ins_code 
_struct_conn.ptnr1_auth_asym_id 
_struct_conn.ptnr1_auth_comp_id 
_struct_conn.ptnr1_auth_seq_id 
_struct_conn.ptnr2_auth_asym_id 
_struct_conn.ptnr2_auth_comp_id 
_struct_conn.ptnr2_auth_seq_id 
_struct_conn.ptnr2_symmetry 
_struct_conn.pdbx_ptnr3_label_atom_id 
_struct_conn.pdbx_ptnr3_label_seq_id 
_struct_conn.pdbx_ptnr3_label_comp_id 
_struct_conn.pdbx_ptnr3_label_asym_id 
_struct_conn.pdbx_ptnr3_label_alt_id 
_struct_conn.pdbx_ptnr3_PDB_ins_code 
_struct_conn.details 
_struct_conn.pdbx_dist_value 
_struct_conn.pdbx_value_order 
_struct_conn.pdbx_role 
metalc1  metalc ? ? A GLU 13 OE2 ? ? ? 1_555  B MG  . MG ? ? A GLU 14  A MG  101  1_555  ? ? ? ? ? ? ? 2.178 ? ? 
metalc2  metalc ? ? A ASP 40 OD2 ? ? ? 80_555 C MG  . MG ? ? A ASP 41  A MG  102  1_555  ? ? ? ? ? ? ? 2.295 ? ? 
metalc3  metalc ? ? B MG  .  MG  ? ? ? 1_555  H HOH . O  ? ? A MG  101 A HOH 2016 1_555  ? ? ? ? ? ? ? 2.198 ? ? 
metalc4  metalc ? ? B MG  .  MG  ? ? ? 1_555  H HOH . O  ? ? A MG  101 A HOH 2019 24_555 ? ? ? ? ? ? ? 2.087 ? ? 
metalc5  metalc ? ? B MG  .  MG  ? ? ? 1_555  H HOH . O  ? ? A MG  101 A HOH 2020 24_555 ? ? ? ? ? ? ? 2.119 ? ? 
metalc6  metalc ? ? B MG  .  MG  ? ? ? 1_555  H HOH . O  ? ? A MG  101 A HOH 2027 24_555 ? ? ? ? ? ? ? 2.201 ? ? 
metalc7  metalc ? ? B MG  .  MG  ? ? ? 1_555  H HOH . O  ? ? A MG  101 A HOH 2053 1_555  ? ? ? ? ? ? ? 2.163 ? ? 
metalc8  metalc ? ? C MG  .  MG  ? ? ? 1_555  H HOH . O  ? ? A MG  102 A HOH 2041 1_555  ? ? ? ? ? ? ? 2.359 ? ? 
metalc9  metalc ? ? C MG  .  MG  ? ? ? 1_555  H HOH . O  ? ? A MG  102 A HOH 2064 80_555 ? ? ? ? ? ? ? 1.951 ? ? 
metalc10 metalc ? ? C MG  .  MG  ? ? ? 1_555  H HOH . O  ? ? A MG  102 A HOH 2069 75_555 ? ? ? ? ? ? ? 2.450 ? ? 
metalc11 metalc ? ? D NA  .  NA  ? ? ? 1_555  H HOH . O  ? ? A NA  103 A HOH 2066 80_555 ? ? ? ? ? ? ? 2.316 ? ? 
metalc12 metalc ? ? D NA  .  NA  ? ? ? 1_555  H HOH . O  ? ? A NA  103 A HOH 2066 1_555  ? ? ? ? ? ? ? 2.316 ? ? 
metalc13 metalc ? ? D NA  .  NA  ? ? ? 1_555  H HOH . O  ? ? A NA  103 A HOH 2066 59_555 ? ? ? ? ? ? ? 2.316 ? ? 
# 
_struct_conn_type.id          metalc 
_struct_conn_type.criteria    ? 
_struct_conn_type.reference   ? 
# 
_struct_sheet.id               AA 
_struct_sheet.type             ? 
_struct_sheet.number_strands   3 
_struct_sheet.details          ? 
# 
loop_
_struct_sheet_order.sheet_id 
_struct_sheet_order.range_id_1 
_struct_sheet_order.range_id_2 
_struct_sheet_order.offset 
_struct_sheet_order.sense 
AA 1 2 ? anti-parallel 
AA 2 3 ? anti-parallel 
# 
loop_
_struct_sheet_range.sheet_id 
_struct_sheet_range.id 
_struct_sheet_range.beg_label_comp_id 
_struct_sheet_range.beg_label_asym_id 
_struct_sheet_range.beg_label_seq_id 
_struct_sheet_range.pdbx_beg_PDB_ins_code 
_struct_sheet_range.end_label_comp_id 
_struct_sheet_range.end_label_asym_id 
_struct_sheet_range.end_label_seq_id 
_struct_sheet_range.pdbx_end_PDB_ins_code 
_struct_sheet_range.beg_auth_comp_id 
_struct_sheet_range.beg_auth_asym_id 
_struct_sheet_range.beg_auth_seq_id 
_struct_sheet_range.end_auth_comp_id 
_struct_sheet_range.end_auth_asym_id 
_struct_sheet_range.end_auth_seq_id 
AA 1 PHE A 2  ? SER A 11 ? PHE A 3  SER A 12 
AA 2 THR A 52 ? GLU A 62 ? THR A 53 GLU A 63 
AA 3 VAL A 33 ? GLU A 44 ? VAL A 34 GLU A 45 
# 
loop_
_pdbx_struct_sheet_hbond.sheet_id 
_pdbx_struct_sheet_hbond.range_id_1 
_pdbx_struct_sheet_hbond.range_id_2 
_pdbx_struct_sheet_hbond.range_1_label_atom_id 
_pdbx_struct_sheet_hbond.range_1_label_comp_id 
_pdbx_struct_sheet_hbond.range_1_label_asym_id 
_pdbx_struct_sheet_hbond.range_1_label_seq_id 
_pdbx_struct_sheet_hbond.range_1_PDB_ins_code 
_pdbx_struct_sheet_hbond.range_1_auth_atom_id 
_pdbx_struct_sheet_hbond.range_1_auth_comp_id 
_pdbx_struct_sheet_hbond.range_1_auth_asym_id 
_pdbx_struct_sheet_hbond.range_1_auth_seq_id 
_pdbx_struct_sheet_hbond.range_2_label_atom_id 
_pdbx_struct_sheet_hbond.range_2_label_comp_id 
_pdbx_struct_sheet_hbond.range_2_label_asym_id 
_pdbx_struct_sheet_hbond.range_2_label_seq_id 
_pdbx_struct_sheet_hbond.range_2_PDB_ins_code 
_pdbx_struct_sheet_hbond.range_2_auth_atom_id 
_pdbx_struct_sheet_hbond.range_2_auth_comp_id 
_pdbx_struct_sheet_hbond.range_2_auth_asym_id 
_pdbx_struct_sheet_hbond.range_2_auth_seq_id 
AA 1 2 N SER A 11 ? N SER A 12 O TYR A 53 ? O TYR A 54 
AA 2 3 O ALA A 60 ? O ALA A 61 N VAL A 34 ? N VAL A 35 
# 
loop_
_struct_site.id 
_struct_site.pdbx_evidence_code 
_struct_site.pdbx_auth_asym_id 
_struct_site.pdbx_auth_comp_id 
_struct_site.pdbx_auth_seq_id 
_struct_site.pdbx_auth_ins_code 
_struct_site.pdbx_num_residues 
_struct_site.details 
AC1 Software A MG  101 ? 7 'BINDING SITE FOR RESIDUE MG A 101'  
AC2 Software A MG  102 ? 4 'BINDING SITE FOR RESIDUE MG A 102'  
AC3 Software A NA  103 ? 3 'BINDING SITE FOR RESIDUE NA A 103'  
AC4 Software A CL  105 ? 3 'BINDING SITE FOR RESIDUE CL A 105'  
AC5 Software A SO4 300 ? 4 'BINDING SITE FOR RESIDUE SO4 A 300' 
AC6 Software ? ?   ?   ? 9 'BINDING SITE FOR RESIDUE FAD A1066' 
# 
loop_
_struct_site_gen.id 
_struct_site_gen.site_id 
_struct_site_gen.pdbx_num_res 
_struct_site_gen.label_comp_id 
_struct_site_gen.label_asym_id 
_struct_site_gen.label_seq_id 
_struct_site_gen.pdbx_auth_ins_code 
_struct_site_gen.auth_comp_id 
_struct_site_gen.auth_asym_id 
_struct_site_gen.auth_seq_id 
_struct_site_gen.label_atom_id 
_struct_site_gen.label_alt_id 
_struct_site_gen.symmetry 
_struct_site_gen.details 
1  AC1 7 GLU A 13 ? GLU A 14   . ? 1_555 ? 
2  AC1 7 GLU A 50 ? GLU A 51   . ? 1_555 ? 
3  AC1 7 HOH H .  ? HOH A 2016 . ? 1_555 ? 
4  AC1 7 HOH H .  ? HOH A 2019 . ? 1_555 ? 
5  AC1 7 HOH H .  ? HOH A 2020 . ? 1_555 ? 
6  AC1 7 HOH H .  ? HOH A 2027 . ? 1_555 ? 
7  AC1 7 HOH H .  ? HOH A 2053 . ? 1_555 ? 
8  AC2 4 ASP A 40 ? ASP A 41   . ? 1_555 ? 
9  AC2 4 HOH H .  ? HOH A 2041 . ? 1_555 ? 
10 AC2 4 HOH H .  ? HOH A 2064 . ? 1_555 ? 
11 AC2 4 HOH H .  ? HOH A 2069 . ? 1_555 ? 
12 AC3 3 CL  E .  ? CL  A 105  . ? 1_555 ? 
13 AC3 3 HOH H .  ? HOH A 2006 . ? 1_555 ? 
14 AC3 3 HOH H .  ? HOH A 2066 . ? 1_555 ? 
15 AC4 3 GLN A 58 ? GLN A 59   . ? 1_555 ? 
16 AC4 3 NA  D .  ? NA  A 103  . ? 1_555 ? 
17 AC4 3 HOH H .  ? HOH A 2026 . ? 1_555 ? 
18 AC5 4 SER A 14 ? SER A 15   . ? 1_555 ? 
19 AC5 4 PHE A 15 ? PHE A 16   . ? 1_555 ? 
20 AC5 4 THR A 16 ? THR A 17   . ? 1_555 ? 
21 AC5 4 HOH H .  ? HOH A 2068 . ? 1_555 ? 
22 AC6 9 VAL A 34 ? VAL A 35   . ? 1_555 ? 
23 AC6 9 TRP A 35 ? TRP A 36   . ? 1_555 ? 
24 AC6 9 GLU A 37 ? GLU A 38   . ? 1_555 ? 
25 AC6 9 GLU A 44 ? GLU A 45   . ? 1_555 ? 
26 AC6 9 ALA A 47 ? ALA A 48   . ? 1_555 ? 
27 AC6 9 GLN A 54 ? GLN A 55   . ? 1_555 ? 
28 AC6 9 HOH H .  ? HOH A 2061 . ? 1_555 ? 
29 AC6 9 HOH H .  ? HOH A 2069 . ? 1_555 ? 
30 AC6 9 HOH H .  ? HOH A 2070 . ? 1_555 ? 
# 
_atom_sites.entry_id                    2CIE 
_atom_sites.fract_transf_matrix[1][1]   -0.00617453 
_atom_sites.fract_transf_matrix[1][2]   -0.00305090 
_atom_sites.fract_transf_matrix[1][3]   0.00137465 
_atom_sites.fract_transf_matrix[2][1]   -0.00168661 
_atom_sites.fract_transf_matrix[2][2]   0.00034564 
_atom_sites.fract_transf_matrix[2][3]   -0.00680870 
_atom_sites.fract_transf_matrix[3][1]   0.00289015 
_atom_sites.fract_transf_matrix[3][2]   -0.00631625 
_atom_sites.fract_transf_matrix[3][3]   -0.00103657 
_atom_sites.fract_transf_vector[1]      0.113925 
_atom_sites.fract_transf_vector[2]      0.106070 
_atom_sites.fract_transf_vector[3]      0.003541 
# 
loop_
_atom_type.symbol 
C  
CL 
MG 
N  
NA 
O  
S  
# 
loop_
_atom_site.group_PDB 
_atom_site.id 
_atom_site.type_symbol 
_atom_site.label_atom_id 
_atom_site.label_alt_id 
_atom_site.label_comp_id 
_atom_site.label_asym_id 
_atom_site.label_entity_id 
_atom_site.label_seq_id 
_atom_site.pdbx_PDB_ins_code 
_atom_site.Cartn_x 
_atom_site.Cartn_y 
_atom_site.Cartn_z 
_atom_site.occupancy 
_atom_site.B_iso_or_equiv 
_atom_site.pdbx_formal_charge 
_atom_site.auth_seq_id 
_atom_site.auth_comp_id 
_atom_site.auth_asym_id 
_atom_site.auth_atom_id 
_atom_site.pdbx_PDB_model_num 
ATOM   1   N  N     . VAL A 1 1  ? 4.750   19.092  -9.526  1.00 20.07 ? 2    VAL A N     1 
ATOM   2   C  CA    . VAL A 1 1  ? 4.777   18.829  -8.043  1.00 19.86 ? 2    VAL A CA    1 
ATOM   3   C  C     . VAL A 1 1  ? 4.173   17.456  -7.774  1.00 19.46 ? 2    VAL A C     1 
ATOM   4   O  O     . VAL A 1 1  ? 3.104   17.137  -8.292  1.00 21.02 ? 2    VAL A O     1 
ATOM   5   C  CB    . VAL A 1 1  ? 3.994   19.874  -7.209  1.00 20.87 ? 2    VAL A CB    1 
ATOM   6   C  CG1   . VAL A 1 1  ? 3.998   19.521  -5.724  1.00 19.89 ? 2    VAL A CG1   1 
ATOM   7   C  CG2   . VAL A 1 1  ? 4.600   21.311  -7.345  1.00 22.05 ? 2    VAL A CG2   1 
ATOM   8   N  N     . PHE A 1 2  ? 4.871   16.634  -6.996  1.00 18.35 ? 3    PHE A N     1 
ATOM   9   C  CA    . PHE A 1 2  ? 4.305   15.336  -6.593  1.00 17.06 ? 3    PHE A CA    1 
ATOM   10  C  C     . PHE A 1 2  ? 3.784   15.423  -5.168  1.00 17.45 ? 3    PHE A C     1 
ATOM   11  O  O     . PHE A 1 2  ? 4.319   16.176  -4.349  1.00 17.10 ? 3    PHE A O     1 
ATOM   12  C  CB    . PHE A 1 2  ? 5.369   14.229  -6.653  1.00 17.90 ? 3    PHE A CB    1 
ATOM   13  C  CG    . PHE A 1 2  ? 6.021   14.085  -8.012  1.00 16.98 ? 3    PHE A CG    1 
ATOM   14  C  CD1   . PHE A 1 2  ? 7.305   14.574  -8.232  1.00 20.81 ? 3    PHE A CD1   1 
ATOM   15  C  CD2   . PHE A 1 2  ? 5.335   13.465  -9.058  1.00 19.70 ? 3    PHE A CD2   1 
ATOM   16  C  CE1   . PHE A 1 2  ? 7.931   14.415  -9.503  1.00 22.31 ? 3    PHE A CE1   1 
ATOM   17  C  CE2   . PHE A 1 2  ? 5.938   13.323  -10.333 1.00 20.84 ? 3    PHE A CE2   1 
ATOM   18  C  CZ    . PHE A 1 2  ? 7.223   13.789  -10.549 1.00 21.43 ? 3    PHE A CZ    1 
ATOM   19  N  N     . LYS A 1 3  ? 2.750   14.647  -4.865  1.00 16.87 ? 4    LYS A N     1 
ATOM   20  C  CA    . LYS A 1 3  ? 2.280   14.546  -3.484  1.00 15.78 ? 4    LYS A CA    1 
ATOM   21  C  C     . LYS A 1 3  ? 2.310   13.046  -3.138  1.00 15.54 ? 4    LYS A C     1 
ATOM   22  O  O     . LYS A 1 3  ? 2.132   12.196  -4.003  1.00 15.35 ? 4    LYS A O     1 
ATOM   23  C  CB    . LYS A 1 3  ? 0.833   15.070  -3.404  1.00 17.11 ? 4    LYS A CB    1 
ATOM   24  C  CG    . LYS A 1 3  ? 0.242   15.042  -2.018  1.00 18.91 ? 4    LYS A CG    1 
ATOM   25  C  CD    . LYS A 1 3  ? -1.138  15.694  -2.003  1.00 25.33 ? 4    LYS A CD    1 
ATOM   26  C  CE    . LYS A 1 3  ? -1.755  15.485  -0.636  1.00 30.87 ? 4    LYS A CE    1 
ATOM   27  N  NZ    . LYS A 1 3  ? -3.106  16.089  -0.638  1.00 36.52 ? 4    LYS A NZ    1 
ATOM   28  N  N     . LYS A 1 4  ? 2.558   12.731  -1.872  1.00 14.66 ? 5    LYS A N     1 
ATOM   29  C  CA    . LYS A 1 4  ? 2.534   11.355  -1.417  1.00 15.05 ? 5    LYS A CA    1 
ATOM   30  C  C     . LYS A 1 4  ? 1.428   11.164  -0.403  1.00 16.19 ? 5    LYS A C     1 
ATOM   31  O  O     . LYS A 1 4  ? 1.212   12.042  0.466   1.00 17.47 ? 5    LYS A O     1 
ATOM   32  C  CB    . LYS A 1 4  ? 3.863   10.991  -0.753  1.00 16.41 ? 5    LYS A CB    1 
ATOM   33  C  CG    . LYS A 1 4  ? 4.945   10.789  -1.802  1.00 16.13 ? 5    LYS A CG    1 
ATOM   34  C  CD    . LYS A 1 4  ? 6.323   10.690  -1.128  1.00 20.96 ? 5    LYS A CD    1 
ATOM   35  C  CE    . LYS A 1 4  ? 7.372   10.224  -2.095  1.00 27.13 ? 5    LYS A CE    1 
ATOM   36  N  NZ    . LYS A 1 4  ? 8.736   10.286  -1.421  1.00 28.79 ? 5    LYS A NZ    1 
ATOM   37  N  N     . VAL A 1 5  ? 0.773   10.007  -0.487  1.00 15.16 ? 6    VAL A N     1 
ATOM   38  C  CA    . VAL A 1 5  ? -0.127  9.574   0.578   1.00 15.91 ? 6    VAL A CA    1 
ATOM   39  C  C     . VAL A 1 5  ? 0.396   8.300   1.212   1.00 15.20 ? 6    VAL A C     1 
ATOM   40  O  O     . VAL A 1 5  ? 0.982   7.457   0.546   1.00 15.31 ? 6    VAL A O     1 
ATOM   41  C  CB    . VAL A 1 5  ? -1.582  9.361   0.097   1.00 16.35 ? 6    VAL A CB    1 
ATOM   42  C  CG1   . VAL A 1 5  ? -2.182  10.723  -0.213  1.00 20.78 ? 6    VAL A CG1   1 
ATOM   43  C  CG2   . VAL A 1 5  ? -1.625  8.412   -1.097  1.00 14.88 ? 6    VAL A CG2   1 
ATOM   44  N  N     . LEU A 1 6  ? 0.202   8.192   2.521   1.00 15.15 ? 7    LEU A N     1 
ATOM   45  C  CA    . LEU A 1 6  ? 0.831   7.109   3.288   1.00 13.87 ? 7    LEU A CA    1 
ATOM   46  C  C     . LEU A 1 6  ? -0.239  6.028   3.529   1.00 14.73 ? 7    LEU A C     1 
ATOM   47  O  O     . LEU A 1 6  ? -1.141  6.215   4.352   1.00 14.87 ? 7    LEU A O     1 
ATOM   48  C  CB    . LEU A 1 6  ? 1.368   7.704   4.614   1.00 14.12 ? 7    LEU A CB    1 
ATOM   49  C  CG    . LEU A 1 6  ? 2.084   6.728   5.553   1.00 14.59 ? 7    LEU A CG    1 
ATOM   50  C  CD1   . LEU A 1 6  ? 3.241   6.011   4.828   1.00 14.76 ? 7    LEU A CD1   1 
ATOM   51  C  CD2   . LEU A 1 6  ? 2.648   7.488   6.807   1.00 13.75 ? 7    LEU A CD2   1 
ATOM   52  N  N     . LEU A 1 7  ? -0.125  4.904   2.811   1.00 13.09 ? 8    LEU A N     1 
ATOM   53  C  CA    . LEU A 1 7  ? -1.146  3.865   2.826   1.00 14.92 ? 8    LEU A CA    1 
ATOM   54  C  C     . LEU A 1 7  ? -0.571  2.548   3.290   1.00 15.64 ? 8    LEU A C     1 
ATOM   55  O  O     . LEU A 1 7  ? 0.533   2.201   2.897   1.00 15.42 ? 8    LEU A O     1 
ATOM   56  C  CB    . LEU A 1 7  ? -1.699  3.665   1.400   1.00 15.53 ? 8    LEU A CB    1 
ATOM   57  C  CG    . LEU A 1 7  ? -2.361  4.918   0.787   1.00 16.01 ? 8    LEU A CG    1 
ATOM   58  C  CD1   . LEU A 1 7  ? -2.775  4.656   -0.722  1.00 17.55 ? 8    LEU A CD1   1 
ATOM   59  C  CD2   . LEU A 1 7  ? -3.590  5.321   1.598   1.00 22.53 ? 8    LEU A CD2   1 
ATOM   60  N  N     . THR A 1 8  ? -1.362  1.786   4.041   1.00 15.02 ? 9    THR A N     1 
ATOM   61  C  CA    . THR A 1 8  ? -0.975  0.421   4.444   1.00 15.48 ? 9    THR A CA    1 
ATOM   62  C  C     . THR A 1 8  ? -1.904  -0.548  3.727   1.00 15.04 ? 9    THR A C     1 
ATOM   63  O  O     . THR A 1 8  ? -3.098  -0.548  3.973   1.00 15.96 ? 9    THR A O     1 
ATOM   64  C  CB    . THR A 1 8  ? -1.108  0.269   5.971   1.00 16.24 ? 9    THR A CB    1 
ATOM   65  O  OG1   . THR A 1 8  ? -0.165  1.137   6.606   1.00 18.36 ? 9    THR A OG1   1 
ATOM   66  C  CG2   . THR A 1 8  ? -0.613  -1.139  6.401   1.00 16.84 ? 9    THR A CG2   1 
ATOM   67  N  N     . GLY A 1 9  ? -1.346  -1.349  2.826   1.00 15.35 ? 10   GLY A N     1 
ATOM   68  C  CA    . GLY A 1 9  ? -2.113  -2.384  2.142   1.00 15.16 ? 10   GLY A CA    1 
ATOM   69  C  C     . GLY A 1 9  ? -1.976  -3.698  2.887   1.00 16.14 ? 10   GLY A C     1 
ATOM   70  O  O     . GLY A 1 9  ? -1.019  -3.916  3.669   1.00 14.73 ? 10   GLY A O     1 
ATOM   71  N  N     . THR A 1 10 ? -2.930  -4.605  2.640   1.00 15.82 ? 11   THR A N     1 
ATOM   72  C  CA    . THR A 1 10 ? -2.894  -5.873  3.334   1.00 17.85 ? 11   THR A CA    1 
ATOM   73  C  C     . THR A 1 10 ? -3.110  -7.022  2.357   1.00 18.16 ? 11   THR A C     1 
ATOM   74  O  O     . THR A 1 10 ? -3.795  -6.867  1.332   1.00 18.80 ? 11   THR A O     1 
ATOM   75  C  CB    . THR A 1 10 ? -3.946  -5.967  4.481   1.00 19.91 ? 11   THR A CB    1 
ATOM   76  O  OG1   . THR A 1 10 ? -5.268  -6.021  3.914   1.00 21.69 ? 11   THR A OG1   1 
ATOM   77  C  CG2   . THR A 1 10 ? -3.925  -4.704  5.392   1.00 20.96 ? 11   THR A CG2   1 
ATOM   78  N  N     . SER A 1 11 ? -2.580  -8.191  2.725   1.00 18.32 ? 12   SER A N     1 
ATOM   79  C  CA    . SER A 1 11 ? -2.751  -9.380  1.900   1.00 18.16 ? 12   SER A CA    1 
ATOM   80  C  C     . SER A 1 11 ? -2.607  -10.629 2.753   1.00 18.88 ? 12   SER A C     1 
ATOM   81  O  O     . SER A 1 11 ? -1.750  -10.687 3.639   1.00 18.37 ? 12   SER A O     1 
ATOM   82  C  CB    . SER A 1 11 ? -1.640  -9.414  0.833   1.00 18.79 ? 12   SER A CB    1 
ATOM   83  O  OG    . SER A 1 11 ? -1.682  -10.629 0.085   1.00 18.93 ? 12   SER A OG    1 
ATOM   84  N  N     . GLU A 1 12 ? -3.358  -11.686 2.427   1.00 18.23 ? 13   GLU A N     1 
ATOM   85  C  CA    . GLU A 1 12 ? -3.121  -12.958 3.098   1.00 18.33 ? 13   GLU A CA    1 
ATOM   86  C  C     . GLU A 1 12 ? -2.082  -13.776 2.373   1.00 18.28 ? 13   GLU A C     1 
ATOM   87  O  O     . GLU A 1 12 ? -1.795  -14.899 2.778   1.00 19.05 ? 13   GLU A O     1 
ATOM   88  C  CB    . GLU A 1 12 ? -4.448  -13.766 3.212   1.00 19.52 ? 13   GLU A CB    1 
ATOM   89  C  CG    . GLU A 1 12 ? -5.379  -13.172 4.261   1.00 24.86 ? 13   GLU A CG    1 
ATOM   90  C  CD    . GLU A 1 12 ? -6.806  -13.726 4.195   1.00 32.68 ? 13   GLU A CD    1 
ATOM   91  O  OE1   . GLU A 1 12 ? -7.066  -14.709 3.450   1.00 32.56 ? 13   GLU A OE1   1 
ATOM   92  O  OE2   . GLU A 1 12 ? -7.673  -13.160 4.897   1.00 34.73 ? 13   GLU A OE2   1 
ATOM   93  N  N     . GLU A 1 13 ? -1.492  -13.218 1.308   1.00 16.56 ? 14   GLU A N     1 
ATOM   94  C  CA    . GLU A 1 13 ? -0.519  -13.975 0.526   1.00 17.71 ? 14   GLU A CA    1 
ATOM   95  C  C     . GLU A 1 13 ? 0.930   -13.521 0.706   1.00 16.63 ? 14   GLU A C     1 
ATOM   96  O  O     . GLU A 1 13 ? 1.798   -14.357 0.918   1.00 17.14 ? 14   GLU A O     1 
ATOM   97  C  CB    . GLU A 1 13 ? -0.860  -13.952 -0.979  1.00 16.74 ? 14   GLU A CB    1 
ATOM   98  C  CG    . GLU A 1 13 ? -2.308  -14.419 -1.271  1.00 21.31 ? 14   GLU A CG    1 
ATOM   99  C  CD    . GLU A 1 13 ? -2.666  -15.747 -0.569  1.00 23.36 ? 14   GLU A CD    1 
ATOM   100 O  OE1   . GLU A 1 13 ? -1.760  -16.596 -0.377  1.00 22.96 ? 14   GLU A OE1   1 
ATOM   101 O  OE2   . GLU A 1 13 ? -3.862  -15.929 -0.188  1.00 24.94 ? 14   GLU A OE2   1 
ATOM   102 N  N     . SER A 1 14 ? 1.223   -12.221 0.556   1.00 16.08 ? 15   SER A N     1 
ATOM   103 C  CA    . SER A 1 14 ? 2.640   -11.831 0.565   1.00 14.51 ? 15   SER A CA    1 
ATOM   104 C  C     . SER A 1 14 ? 2.815   -10.336 0.815   1.00 15.01 ? 15   SER A C     1 
ATOM   105 O  O     . SER A 1 14 ? 1.855   -9.553  0.696   1.00 14.11 ? 15   SER A O     1 
ATOM   106 C  CB    . SER A 1 14 ? 3.342   -12.186 -0.764  1.00 15.75 ? 15   SER A CB    1 
ATOM   107 O  OG    . SER A 1 14 ? 2.916   -11.330 -1.829  1.00 15.87 ? 15   SER A OG    1 
ATOM   108 N  N     . PHE A 1 15 ? 4.040   -9.945  1.156   1.00 14.35 ? 16   PHE A N     1 
ATOM   109 C  CA    . PHE A 1 15 ? 4.347   -8.515  1.252   1.00 14.70 ? 16   PHE A CA    1 
ATOM   110 C  C     . PHE A 1 15 ? 4.183   -7.777  -0.101  1.00 14.67 ? 16   PHE A C     1 
ATOM   111 O  O     . PHE A 1 15 ? 3.794   -6.629  -0.122  1.00 14.85 ? 16   PHE A O     1 
ATOM   112 C  CB    . PHE A 1 15 ? 5.786   -8.314  1.775   1.00 14.73 ? 16   PHE A CB    1 
ATOM   113 C  CG    . PHE A 1 15 ? 5.959   -8.729  3.201   1.00 14.05 ? 16   PHE A CG    1 
ATOM   114 C  CD1   . PHE A 1 15 ? 6.957   -9.642  3.550   1.00 15.57 ? 16   PHE A CD1   1 
ATOM   115 C  CD2   . PHE A 1 15 ? 5.143   -8.171  4.202   1.00 15.78 ? 16   PHE A CD2   1 
ATOM   116 C  CE1   . PHE A 1 15 ? 7.120   -10.053 4.881   1.00 15.17 ? 16   PHE A CE1   1 
ATOM   117 C  CE2   . PHE A 1 15 ? 5.305   -8.563  5.562   1.00 16.34 ? 16   PHE A CE2   1 
ATOM   118 C  CZ    . PHE A 1 15 ? 6.287   -9.491  5.901   1.00 15.97 ? 16   PHE A CZ    1 
ATOM   119 N  N     . THR A 1 16 ? 4.567   -8.418  -1.213  1.00 14.69 ? 17   THR A N     1 
ATOM   120 C  CA    . THR A 1 16 ? 4.379   -7.796  -2.541  1.00 14.26 ? 17   THR A CA    1 
ATOM   121 C  C     . THR A 1 16 ? 2.901   -7.526  -2.800  1.00 14.77 ? 17   THR A C     1 
ATOM   122 O  O     . THR A 1 16 ? 2.504   -6.428  -3.228  1.00 15.23 ? 17   THR A O     1 
ATOM   123 C  CB    . THR A 1 16 ? 4.961   -8.721  -3.651  1.00 14.76 ? 17   THR A CB    1 
ATOM   124 O  OG1   . THR A 1 16 ? 6.382   -8.845  -3.461  1.00 14.20 ? 17   THR A OG1   1 
ATOM   125 C  CG2   . THR A 1 16 ? 4.836   -8.071  -5.055  1.00 16.02 ? 17   THR A CG2   1 
ATOM   126 N  N     . ALA A 1 17 ? 2.066   -8.521  -2.509  1.00 14.95 ? 18   ALA A N     1 
ATOM   127 C  CA    . ALA A 1 17 ? 0.633   -8.363  -2.766  1.00 15.87 ? 18   ALA A CA    1 
ATOM   128 C  C     . ALA A 1 17 ? 0.027   -7.285  -1.840  1.00 15.51 ? 18   ALA A C     1 
ATOM   129 O  O     . ALA A 1 17 ? -0.896  -6.570  -2.233  1.00 15.12 ? 18   ALA A O     1 
ATOM   130 C  CB    . ALA A 1 17 ? -0.090  -9.685  -2.601  1.00 16.48 ? 18   ALA A CB    1 
ATOM   131 N  N     . ALA A 1 18 ? 0.554   -7.170  -0.615  1.00 14.10 ? 19   ALA A N     1 
ATOM   132 C  CA    . ALA A 1 18 ? 0.070   -6.094  0.280   1.00 15.04 ? 19   ALA A CA    1 
ATOM   133 C  C     . ALA A 1 18 ? 0.427   -4.712  -0.275  1.00 14.05 ? 19   ALA A C     1 
ATOM   134 O  O     . ALA A 1 18 ? -0.411  -3.792  -0.229  1.00 14.42 ? 19   ALA A O     1 
ATOM   135 C  CB    . ALA A 1 18 ? 0.590   -6.284  1.738   1.00 13.91 ? 19   ALA A CB    1 
ATOM   136 N  N     . ALA A 1 19 ? 1.639   -4.561  -0.820  1.00 14.05 ? 20   ALA A N     1 
ATOM   137 C  CA    . ALA A 1 19 ? 1.985   -3.311  -1.497  1.00 14.73 ? 20   ALA A CA    1 
ATOM   138 C  C     . ALA A 1 19 ? 1.010   -3.006  -2.642  1.00 15.11 ? 20   ALA A C     1 
ATOM   139 O  O     . ALA A 1 19 ? 0.513   -1.895  -2.793  1.00 15.53 ? 20   ALA A O     1 
ATOM   140 C  CB    . ALA A 1 19 ? 3.427   -3.337  -2.035  1.00 15.23 ? 20   ALA A CB    1 
ATOM   141 N  N     . ASP A 1 20 ? 0.710   -4.029  -3.429  1.00 16.69 ? 21   ASP A N     1 
ATOM   142 C  CA    . ASP A 1 20 ? -0.212  -3.861  -4.548  1.00 17.57 ? 21   ASP A CA    1 
ATOM   143 C  C     . ASP A 1 20 ? -1.582  -3.422  -4.060  1.00 16.62 ? 21   ASP A C     1 
ATOM   144 O  O     . ASP A 1 20 ? -2.235  -2.649  -4.735  1.00 16.95 ? 21   ASP A O     1 
ATOM   145 C  CB    . ASP A 1 20 ? -0.406  -5.213  -5.229  1.00 17.43 ? 21   ASP A CB    1 
ATOM   146 C  CG    . ASP A 1 20 ? 0.646   -5.527  -6.273  1.00 21.34 ? 21   ASP A CG    1 
ATOM   147 O  OD1   . ASP A 1 20 ? 1.407   -4.657  -6.763  1.00 21.17 ? 21   ASP A OD1   1 
ATOM   148 O  OD2   . ASP A 1 20 ? 0.775   -6.706  -6.681  1.00 22.62 ? 21   ASP A OD2   1 
ATOM   149 N  N     . ASP A 1 21 ? -2.035  -3.973  -2.927  1.00 16.28 ? 22   ASP A N     1 
ATOM   150 C  CA    . ASP A 1 21 ? -3.344  -3.645  -2.368  1.00 16.87 ? 22   ASP A CA    1 
ATOM   151 C  C     . ASP A 1 21 ? -3.459  -2.145  -2.073  1.00 17.86 ? 22   ASP A C     1 
ATOM   152 O  O     . ASP A 1 21 ? -4.459  -1.501  -2.404  1.00 17.89 ? 22   ASP A O     1 
ATOM   153 C  CB    . ASP A 1 21 ? -3.545  -4.465  -1.080  1.00 16.91 ? 22   ASP A CB    1 
ATOM   154 C  CG    . ASP A 1 21 ? -4.883  -4.231  -0.444  1.00 22.15 ? 22   ASP A CG    1 
ATOM   155 O  OD1   . ASP A 1 21 ? -5.909  -4.442  -1.129  1.00 24.69 ? 22   ASP A OD1   1 
ATOM   156 O  OD2   . ASP A 1 21 ? -5.030  -3.819  0.732   1.00 23.34 ? 22   ASP A OD2   1 
ATOM   157 N  N     . ALA A 1 22 ? -2.394  -1.580  -1.495  1.00 15.67 ? 23   ALA A N     1 
ATOM   158 C  CA    . ALA A 1 22 ? -2.325  -0.131  -1.266  1.00 15.98 ? 23   ALA A CA    1 
ATOM   159 C  C     . ALA A 1 22 ? -2.311  0.681   -2.569  1.00 14.76 ? 23   ALA A C     1 
ATOM   160 O  O     . ALA A 1 22 ? -3.069  1.675   -2.729  1.00 16.23 ? 23   ALA A O     1 
ATOM   161 C  CB    . ALA A 1 22 ? -1.076  0.218   -0.372  1.00 15.29 ? 23   ALA A CB    1 
ATOM   162 N  N     . ILE A 1 23 ? -1.482  0.239   -3.526  1.00 15.30 ? 24   ILE A N     1 
ATOM   163 C  CA    . ILE A 1 23 ? -1.350  0.940   -4.794  1.00 16.15 ? 24   ILE A CA    1 
ATOM   164 C  C     . ILE A 1 23 ? -2.665  0.907   -5.603  1.00 17.39 ? 24   ILE A C     1 
ATOM   165 O  O     . ILE A 1 23 ? -3.071  1.916   -6.164  1.00 17.23 ? 24   ILE A O     1 
ATOM   166 C  CB    . ILE A 1 23 ? -0.190  0.407   -5.604  1.00 16.81 ? 24   ILE A CB    1 
ATOM   167 C  CG1   . ILE A 1 23 ? 1.132   0.689   -4.874  1.00 17.24 ? 24   ILE A CG1   1 
ATOM   168 C  CG2   . ILE A 1 23 ? -0.131  1.108   -6.989  1.00 17.34 ? 24   ILE A CG2   1 
ATOM   169 C  CD1   . ILE A 1 23 ? 2.305   -0.171  -5.404  1.00 16.43 ? 24   ILE A CD1   1 
ATOM   170 N  N     . ASP A 1 24 ? -3.324  -0.250  -5.613  1.00 17.67 ? 25   ASP A N     1 
ATOM   171 C  CA    . ASP A 1 24 ? -4.645  -0.416  -6.249  1.00 19.87 ? 25   ASP A CA    1 
ATOM   172 C  C     . ASP A 1 24 ? -5.633  0.612   -5.704  1.00 19.64 ? 25   ASP A C     1 
ATOM   173 O  O     . ASP A 1 24 ? -6.382  1.257   -6.467  1.00 20.09 ? 25   ASP A O     1 
ATOM   174 C  CB    . ASP A 1 24 ? -5.202  -1.805  -5.894  1.00 20.74 ? 25   ASP A CB    1 
ATOM   175 C  CG    . ASP A 1 24 ? -4.534  -2.941  -6.665  1.00 22.81 ? 25   ASP A CG    1 
ATOM   176 O  OD1   . ASP A 1 24 ? -3.720  -2.711  -7.572  1.00 24.83 ? 25   ASP A OD1   1 
ATOM   177 O  OD2   . ASP A 1 24 ? -4.776  -4.135  -6.374  1.00 27.15 ? 25   ASP A OD2   1 
ATOM   178 N  N     . ARG A 1 25 ? -5.652  0.769   -4.378  1.00 20.78 ? 26   ARG A N     1 
ATOM   179 C  CA    . ARG A 1 25 ? -6.567  1.716   -3.765  1.00 21.21 ? 26   ARG A CA    1 
ATOM   180 C  C     . ARG A 1 25 ? -6.241  3.139   -4.159  1.00 20.80 ? 26   ARG A C     1 
ATOM   181 O  O     . ARG A 1 25 ? -7.141  3.938   -4.437  1.00 21.59 ? 26   ARG A O     1 
ATOM   182 C  CB    . ARG A 1 25 ? -6.590  1.571   -2.238  1.00 21.69 ? 26   ARG A CB    1 
ATOM   183 C  CG    . ARG A 1 25 ? -7.625  2.466   -1.562  1.00 26.86 ? 26   ARG A CG    1 
ATOM   184 C  CD    . ARG A 1 25 ? -9.063  2.128   -1.992  1.00 32.53 ? 26   ARG A CD    1 
ATOM   185 N  NE    . ARG A 1 25 ? -10.051 2.772   -1.138  1.00 40.15 ? 26   ARG A NE    1 
ATOM   186 C  CZ    . ARG A 1 25 ? -10.407 4.053   -1.217  1.00 42.61 ? 26   ARG A CZ    1 
ATOM   187 N  NH1   . ARG A 1 25 ? -9.847  4.862   -2.119  1.00 45.40 ? 26   ARG A NH1   1 
ATOM   188 N  NH2   . ARG A 1 25 ? -11.323 4.530   -0.378  1.00 43.37 ? 26   ARG A NH2   1 
ATOM   189 N  N     . ALA A 1 26 ? -4.952  3.476   -4.188  1.00 19.75 ? 27   ALA A N     1 
ATOM   190 C  CA    . ALA A 1 26 ? -4.547  4.803   -4.627  1.00 21.32 ? 27   ALA A CA    1 
ATOM   191 C  C     . ALA A 1 26 ? -5.026  5.082   -6.061  1.00 22.47 ? 27   ALA A C     1 
ATOM   192 O  O     . ALA A 1 26 ? -5.619  6.143   -6.333  1.00 23.70 ? 27   ALA A O     1 
ATOM   193 C  CB    . ALA A 1 26 ? -3.023  4.951   -4.521  1.00 20.92 ? 27   ALA A CB    1 
ATOM   194 N  N     . GLU A 1 27 ? -4.832  4.102   -6.947  1.00 23.58 ? 28   GLU A N     1 
ATOM   195 C  CA    . GLU A 1 27 ? -5.208  4.246   -8.363  1.00 25.29 ? 28   GLU A CA    1 
ATOM   196 C  C     . GLU A 1 27 ? -6.715  4.308   -8.571  1.00 26.27 ? 28   GLU A C     1 
ATOM   197 O  O     . GLU A 1 27 ? -7.155  4.781   -9.610  1.00 25.21 ? 28   GLU A O     1 
ATOM   198 C  CB    . GLU A 1 27 ? -4.633  3.121   -9.211  1.00 25.34 ? 28   GLU A CB    1 
ATOM   199 C  CG    . GLU A 1 27 ? -3.128  3.176   -9.346  1.00 26.04 ? 28   GLU A CG    1 
ATOM   200 C  CD    . GLU A 1 27 ? -2.611  2.128   -10.293 1.00 30.95 ? 28   GLU A CD    1 
ATOM   201 O  OE1   . GLU A 1 27 ? -3.178  1.009   -10.343 1.00 32.75 ? 28   GLU A OE1   1 
ATOM   202 O  OE2   . GLU A 1 27 ? -1.643  2.422   -10.995 1.00 33.16 ? 28   GLU A OE2   1 
ATOM   203 N  N     . ASP A 1 28 ? -7.493  3.823   -7.607  1.00 27.61 ? 29   ASP A N     1 
ATOM   204 C  CA    . ASP A 1 28 ? -8.964  3.895   -7.691  1.00 29.71 ? 29   ASP A CA    1 
ATOM   205 C  C     . ASP A 1 28 ? -9.432  5.334   -7.536  1.00 30.85 ? 29   ASP A C     1 
ATOM   206 O  O     . ASP A 1 28 ? -10.488 5.693   -8.036  1.00 30.56 ? 29   ASP A O     1 
ATOM   207 C  CB    . ASP A 1 28 ? -9.623  3.125   -6.555  1.00 30.02 ? 29   ASP A CB    1 
ATOM   208 C  CG    . ASP A 1 28 ? -9.620  1.622   -6.763  1.00 33.73 ? 29   ASP A CG    1 
ATOM   209 O  OD1   . ASP A 1 28 ? -9.364  1.146   -7.890  1.00 37.65 ? 29   ASP A OD1   1 
ATOM   210 O  OD2   . ASP A 1 28 ? -9.838  0.837   -5.816  1.00 37.05 ? 29   ASP A OD2   1 
ATOM   211 N  N     . THR A 1 29 ? -8.660  6.138   -6.810  1.00 31.58 ? 30   THR A N     1 
ATOM   212 C  CA    . THR A 1 29 ? -9.117  7.436   -6.330  1.00 34.10 ? 30   THR A CA    1 
ATOM   213 C  C     . THR A 1 29 ? -8.257  8.595   -6.829  1.00 33.46 ? 30   THR A C     1 
ATOM   214 O  O     . THR A 1 29 ? -8.681  9.754   -6.777  1.00 34.43 ? 30   THR A O     1 
ATOM   215 C  CB    . THR A 1 29 ? -9.168  7.436   -4.781  1.00 34.80 ? 30   THR A CB    1 
ATOM   216 O  OG1   . THR A 1 29 ? -9.708  6.182   -4.318  1.00 39.52 ? 30   THR A OG1   1 
ATOM   217 C  CG2   . THR A 1 29 ? -10.208 8.421   -4.291  1.00 39.19 ? 30   THR A CG2   1 
ATOM   218 N  N     . LEU A 1 30 ? -7.071  8.298   -7.343  1.00 31.12 ? 31   LEU A N     1 
ATOM   219 C  CA    . LEU A 1 30 ? -6.150  9.348   -7.716  1.00 30.72 ? 31   LEU A CA    1 
ATOM   220 C  C     . LEU A 1 30 ? -5.743  9.203   -9.147  1.00 30.55 ? 31   LEU A C     1 
ATOM   221 O  O     . LEU A 1 30 ? -5.575  8.097   -9.662  1.00 30.30 ? 31   LEU A O     1 
ATOM   222 C  CB    . LEU A 1 30 ? -4.886  9.331   -6.835  1.00 29.44 ? 31   LEU A CB    1 
ATOM   223 C  CG    . LEU A 1 30 ? -5.059  9.511   -5.339  1.00 30.41 ? 31   LEU A CG    1 
ATOM   224 C  CD1   . LEU A 1 30 ? -3.772  9.092   -4.590  1.00 30.35 ? 31   LEU A CD1   1 
ATOM   225 C  CD2   . LEU A 1 30 ? -5.461  10.938  -4.997  1.00 29.69 ? 31   LEU A CD2   1 
ATOM   226 N  N     . ASP A 1 31 ? -5.540  10.343  -9.777  1.00 30.36 ? 32   ASP A N     1 
ATOM   227 C  CA    . ASP A 1 31 ? -4.987  10.346  -11.104 1.00 31.47 ? 32   ASP A CA    1 
ATOM   228 C  C     . ASP A 1 31 ? -3.492  10.520  -10.982 1.00 29.65 ? 32   ASP A C     1 
ATOM   229 O  O     . ASP A 1 31 ? -2.994  11.181  -10.033 1.00 30.75 ? 32   ASP A O     1 
ATOM   230 C  CB    . ASP A 1 31 ? -5.587  11.489  -11.929 1.00 32.87 ? 32   ASP A CB    1 
ATOM   231 C  CG    . ASP A 1 31 ? -7.058  11.266  -12.210 1.00 38.20 ? 32   ASP A CG    1 
ATOM   232 O  OD1   . ASP A 1 31 ? -7.416  10.146  -12.647 1.00 44.49 ? 32   ASP A OD1   1 
ATOM   233 O  OD2   . ASP A 1 31 ? -7.930  12.138  -12.003 1.00 45.16 ? 32   ASP A OD2   1 
ATOM   234 N  N     . ASN A 1 32 ? -2.810  9.900   -11.933 1.00 27.05 ? 33   ASN A N     1 
ATOM   235 C  CA    . ASN A 1 32 ? -1.404  10.089  -12.198 1.00 25.41 ? 33   ASN A CA    1 
ATOM   236 C  C     . ASN A 1 32 ? -0.517  9.560   -11.081 1.00 22.99 ? 33   ASN A C     1 
ATOM   237 O  O     . ASN A 1 32 ? 0.426   10.235  -10.674 1.00 20.85 ? 33   ASN A O     1 
ATOM   238 C  CB    . ASN A 1 32 ? -1.107  11.561  -12.487 1.00 26.78 ? 33   ASN A CB    1 
ATOM   239 C  CG    . ASN A 1 32 ? -1.908  12.076  -13.688 1.00 30.14 ? 33   ASN A CG    1 
ATOM   240 O  OD1   . ASN A 1 32 ? -1.908  11.451  -14.746 1.00 36.17 ? 33   ASN A OD1   1 
ATOM   241 N  ND2   . ASN A 1 32 ? -2.612  13.177  -13.506 1.00 36.70 ? 33   ASN A ND2   1 
ATOM   242 N  N     . VAL A 1 33 ? -0.819  8.349   -10.626 1.00 20.88 ? 34   VAL A N     1 
ATOM   243 C  CA    . VAL A 1 33 ? 0.050   7.652   -9.659  1.00 20.82 ? 34   VAL A CA    1 
ATOM   244 C  C     . VAL A 1 33 ? 1.350   7.248   -10.382 1.00 20.77 ? 34   VAL A C     1 
ATOM   245 O  O     . VAL A 1 33 ? 1.319   6.654   -11.476 1.00 20.78 ? 34   VAL A O     1 
ATOM   246 C  CB    . VAL A 1 33 ? -0.666  6.420   -9.053  1.00 20.36 ? 34   VAL A CB    1 
ATOM   247 C  CG1   . VAL A 1 33 ? 0.310   5.575   -8.198  1.00 21.33 ? 34   VAL A CG1   1 
ATOM   248 C  CG2   . VAL A 1 33 ? -1.875  6.852   -8.225  1.00 20.21 ? 34   VAL A CG2   1 
ATOM   249 N  N     . VAL A 1 34 ? 2.495   7.587   -9.808  1.00 18.28 ? 35   VAL A N     1 
ATOM   250 C  CA    . VAL A 1 34 ? 3.758   7.395   -10.523 1.00 18.99 ? 35   VAL A CA    1 
ATOM   251 C  C     . VAL A 1 34 ? 4.689   6.392   -9.890  1.00 18.34 ? 35   VAL A C     1 
ATOM   252 O  O     . VAL A 1 34 ? 5.309   5.610   -10.594 1.00 18.71 ? 35   VAL A O     1 
ATOM   253 C  CB    . VAL A 1 34 ? 4.490   8.727   -10.856 1.00 20.44 ? 35   VAL A CB    1 
ATOM   254 C  CG1   . VAL A 1 34 ? 3.765   9.422   -12.046 1.00 21.87 ? 35   VAL A CG1   1 
ATOM   255 C  CG2   . VAL A 1 34 ? 4.482   9.674   -9.695  1.00 22.84 ? 35   VAL A CG2   1 
ATOM   256 N  N     . TRP A 1 35 ? 4.767   6.401   -8.566  1.00 16.54 ? 36   TRP A N     1 
ATOM   257 C  CA    . TRP A 1 35 ? 5.626   5.421   -7.876  1.00 16.07 ? 36   TRP A CA    1 
ATOM   258 C  C     . TRP A 1 35 ? 5.201   5.237   -6.423  1.00 15.81 ? 36   TRP A C     1 
ATOM   259 O  O     . TRP A 1 35 ? 4.332   5.954   -5.897  1.00 15.48 ? 36   TRP A O     1 
ATOM   260 C  CB    . TRP A 1 35 ? 7.117   5.826   -7.949  1.00 15.88 ? 36   TRP A CB    1 
ATOM   261 C  CG    . TRP A 1 35 ? 7.592   6.890   -6.954  1.00 15.99 ? 36   TRP A CG    1 
ATOM   262 C  CD1   . TRP A 1 35 ? 8.022   6.700   -5.651  1.00 17.33 ? 36   TRP A CD1   1 
ATOM   263 C  CD2   . TRP A 1 35 ? 7.731   8.287   -7.214  1.00 17.43 ? 36   TRP A CD2   1 
ATOM   264 N  NE1   . TRP A 1 35 ? 8.397   7.909   -5.091  1.00 18.56 ? 36   TRP A NE1   1 
ATOM   265 C  CE2   . TRP A 1 35 ? 8.226   8.899   -6.028  1.00 18.69 ? 36   TRP A CE2   1 
ATOM   266 C  CE3   . TRP A 1 35 ? 7.490   9.094   -8.333  1.00 19.37 ? 36   TRP A CE3   1 
ATOM   267 C  CZ2   . TRP A 1 35 ? 8.479   10.274  -5.934  1.00 20.40 ? 36   TRP A CZ2   1 
ATOM   268 C  CZ3   . TRP A 1 35 ? 7.724   10.468  -8.233  1.00 19.87 ? 36   TRP A CZ3   1 
ATOM   269 C  CH2   . TRP A 1 35 ? 8.235   11.037  -7.049  1.00 19.53 ? 36   TRP A CH2   1 
ATOM   270 N  N     . ALA A 1 36 ? 5.792   4.227   -5.790  1.00 14.28 ? 37   ALA A N     1 
ATOM   271 C  CA    . ALA A 1 36 ? 5.564   4.004   -4.358  1.00 13.80 ? 37   ALA A CA    1 
ATOM   272 C  C     . ALA A 1 36 ? 6.869   3.576   -3.701  1.00 14.34 ? 37   ALA A C     1 
ATOM   273 O  O     . ALA A 1 36 ? 7.698   2.879   -4.309  1.00 14.44 ? 37   ALA A O     1 
ATOM   274 C  CB    . ALA A 1 36 ? 4.516   2.957   -4.163  1.00 14.67 ? 37   ALA A CB    1 
ATOM   275 N  N     . GLU A 1 37 ? 7.037   3.993   -2.440  1.00 15.41 ? 38   GLU A N     1 
ATOM   276 C  CA    . GLU A 1 37 ? 8.235   3.653   -1.673  1.00 15.73 ? 38   GLU A CA    1 
ATOM   277 C  C     . GLU A 1 37 ? 7.769   2.878   -0.455  1.00 15.74 ? 38   GLU A C     1 
ATOM   278 O  O     . GLU A 1 37 ? 6.890   3.319   0.273   1.00 15.52 ? 38   GLU A O     1 
ATOM   279 C  CB    . GLU A 1 37 ? 8.977   4.938   -1.244  1.00 16.55 ? 38   GLU A CB    1 
ATOM   280 C  CG    . GLU A 1 37 ? 9.300   5.847   -2.432  1.00 20.66 ? 38   GLU A CG    1 
ATOM   281 C  CD    . GLU A 1 37 ? 10.079  7.116   -2.045  1.00 28.17 ? 38   GLU A CD    1 
ATOM   282 O  OE1   . GLU A 1 37 ? 10.902  7.043   -1.096  1.00 31.02 ? 38   GLU A OE1   1 
ATOM   283 O  OE2   . GLU A 1 37 ? 9.914   8.165   -2.718  1.00 26.21 ? 38   GLU A OE2   1 
ATOM   284 N  N     . VAL A 1 38 ? 8.345   1.698   -0.243  1.00 14.39 ? 39   VAL A N     1 
ATOM   285 C  CA    . VAL A 1 38 ? 8.009   0.944   0.971   1.00 14.21 ? 39   VAL A CA    1 
ATOM   286 C  C     . VAL A 1 38 ? 8.653   1.579   2.194   1.00 14.90 ? 39   VAL A C     1 
ATOM   287 O  O     . VAL A 1 38 ? 9.859   1.836   2.195   1.00 14.81 ? 39   VAL A O     1 
ATOM   288 C  CB    . VAL A 1 38 ? 8.521   -0.514  0.881   1.00 13.31 ? 39   VAL A CB    1 
ATOM   289 C  CG1   . VAL A 1 38 ? 8.231   -1.259  2.221   1.00 14.10 ? 39   VAL A CG1   1 
ATOM   290 C  CG2   . VAL A 1 38 ? 7.826   -1.182  -0.348  1.00 16.79 ? 39   VAL A CG2   1 
ATOM   291 N  N     . VAL A 1 39 ? 7.850   1.794   3.224   1.00 14.55 ? 40   VAL A N     1 
ATOM   292 C  CA    . VAL A 1 39 ? 8.338   2.390   4.464   1.00 17.02 ? 40   VAL A CA    1 
ATOM   293 C  C     . VAL A 1 39 ? 8.197   1.464   5.660   1.00 17.91 ? 40   VAL A C     1 
ATOM   294 O  O     . VAL A 1 39 ? 8.831   1.696   6.674   1.00 17.99 ? 40   VAL A O     1 
ATOM   295 C  CB    . VAL A 1 39 ? 7.741   3.806   4.739   1.00 18.56 ? 40   VAL A CB    1 
ATOM   296 C  CG1   . VAL A 1 39 ? 8.157   4.754   3.617   1.00 19.47 ? 40   VAL A CG1   1 
ATOM   297 C  CG2   . VAL A 1 39 ? 6.261   3.788   4.867   1.00 19.20 ? 40   VAL A CG2   1 
ATOM   298 N  N     . ASP A 1 40 ? 7.381   0.413   5.574   1.00 16.35 ? 41   ASP A N     1 
ATOM   299 C  CA    . ASP A 1 40 ? 7.292   -0.513  6.712   1.00 17.91 ? 41   ASP A CA    1 
ATOM   300 C  C     . ASP A 1 40 ? 6.607   -1.773  6.221   1.00 16.36 ? 41   ASP A C     1 
ATOM   301 O  O     . ASP A 1 40 ? 5.815   -1.734  5.264   1.00 15.67 ? 41   ASP A O     1 
ATOM   302 C  CB    . ASP A 1 40 ? 6.384   0.064   7.820   1.00 18.65 ? 41   ASP A CB    1 
ATOM   303 C  CG    . ASP A 1 40 ? 7.049   0.121   9.174   1.00 27.85 ? 41   ASP A CG    1 
ATOM   304 O  OD1   . ASP A 1 40 ? 8.236   -0.237  9.322   1.00 34.12 ? 41   ASP A OD1   1 
ATOM   305 O  OD2   . ASP A 1 40 ? 6.424   0.527   10.184  1.00 35.11 ? 41   ASP A OD2   1 
ATOM   306 N  N     . GLN A 1 41 ? 6.909   -2.871  6.890   1.00 15.38 ? 42   GLN A N     1 
ATOM   307 C  CA    . GLN A 1 41 ? 6.231   -4.160  6.648   1.00 14.65 ? 42   GLN A CA    1 
ATOM   308 C  C     . GLN A 1 41 ? 5.967   -4.854  7.977   1.00 14.57 ? 42   GLN A C     1 
ATOM   309 O  O     . GLN A 1 41 ? 6.769   -4.769  8.949   1.00 14.78 ? 42   GLN A O     1 
ATOM   310 C  CB    . GLN A 1 41 ? 7.073   -5.094  5.755   1.00 14.51 ? 42   GLN A CB    1 
ATOM   311 C  CG    . GLN A 1 41 ? 7.269   -4.528  4.359   1.00 15.82 ? 42   GLN A CG    1 
ATOM   312 C  CD    . GLN A 1 41 ? 8.295   -5.285  3.602   1.00 23.12 ? 42   GLN A CD    1 
ATOM   313 O  OE1   . GLN A 1 41 ? 9.473   -5.257  3.959   1.00 27.30 ? 42   GLN A OE1   1 
ATOM   314 N  NE2   . GLN A 1 41 ? 7.879   -5.924  2.532   1.00 23.54 ? 42   GLN A NE2   1 
ATOM   315 N  N     . GLY A 1 42 ? 4.822   -5.526  8.040   1.00 14.33 ? 43   GLY A N     1 
ATOM   316 C  CA    . GLY A 1 42 ? 4.428   -6.190  9.277   1.00 15.71 ? 43   GLY A CA    1 
ATOM   317 C  C     . GLY A 1 42 ? 3.464   -7.359  9.002   1.00 15.45 ? 43   GLY A C     1 
ATOM   318 O  O     . GLY A 1 42 ? 3.073   -7.583  7.865   1.00 15.74 ? 43   GLY A O     1 
ATOM   319 N  N     . VAL A 1 43 ? 3.127   -8.101  10.056  1.00 14.95 ? 44   VAL A N     1 
ATOM   320 C  CA    . VAL A 1 43 ? 2.183   -9.229  9.934   1.00 15.45 ? 44   VAL A CA    1 
ATOM   321 C  C     . VAL A 1 43 ? 1.246   -9.207  11.120  1.00 17.08 ? 44   VAL A C     1 
ATOM   322 O  O     . VAL A 1 43 ? 1.696   -9.140  12.273  1.00 15.50 ? 44   VAL A O     1 
ATOM   323 C  CB    . VAL A 1 43 ? 2.926   -10.606 9.948   1.00 15.84 ? 44   VAL A CB    1 
ATOM   324 C  CG1   . VAL A 1 43 ? 1.959   -11.786 9.587   1.00 15.60 ? 44   VAL A CG1   1 
ATOM   325 C  CG2   . VAL A 1 43 ? 4.150   -10.582 9.023   1.00 16.06 ? 44   VAL A CG2   1 
ATOM   326 N  N     . GLU A 1 44 ? -0.048  -9.238  10.815  1.00 17.51 ? 45   GLU A N     1 
ATOM   327 C  CA    . GLU A 1 44 ? -1.111  -9.296  11.807  1.00 21.35 ? 45   GLU A CA    1 
ATOM   328 C  C     . GLU A 1 44 ? -1.385  -10.776 12.036  1.00 22.81 ? 45   GLU A C     1 
ATOM   329 O  O     . GLU A 1 44 ? -1.592  -11.530 11.075  1.00 21.99 ? 45   GLU A O     1 
ATOM   330 C  CB    . GLU A 1 44 ? -2.371  -8.605  11.267  1.00 22.22 ? 45   GLU A CB    1 
ATOM   331 C  CG    . GLU A 1 44 ? -3.583  -8.752  12.189  1.00 25.75 ? 45   GLU A CG    1 
ATOM   332 C  CD    . GLU A 1 44 ? -3.350  -8.101  13.548  1.00 33.28 ? 45   GLU A CD    1 
ATOM   333 O  OE1   . GLU A 1 44 ? -2.870  -6.950  13.595  1.00 38.25 ? 45   GLU A OE1   1 
ATOM   334 O  OE2   . GLU A 1 44 ? -3.597  -8.755  14.574  1.00 37.34 ? 45   GLU A OE2   1 
ATOM   335 N  N     . ILE A 1 45 ? -1.357  -11.193 13.299  1.00 25.09 ? 46   ILE A N     1 
ATOM   336 C  CA    . ILE A 1 45 ? -1.432  -12.612 13.656  1.00 28.72 ? 46   ILE A CA    1 
ATOM   337 C  C     . ILE A 1 45 ? -2.639  -12.865 14.564  1.00 32.55 ? 46   ILE A C     1 
ATOM   338 O  O     . ILE A 1 45 ? -3.449  -13.735 14.247  1.00 33.59 ? 46   ILE A O     1 
ATOM   339 C  CB    . ILE A 1 45 ? -0.112  -13.102 14.295  1.00 28.54 ? 46   ILE A CB    1 
ATOM   340 C  CG1   . ILE A 1 45 ? 1.068   -12.884 13.331  1.00 26.47 ? 46   ILE A CG1   1 
ATOM   341 C  CG2   . ILE A 1 45 ? -0.178  -14.594 14.720  1.00 30.76 ? 46   ILE A CG2   1 
ATOM   342 C  CD1   . ILE A 1 45 ? 2.385   -12.666 14.039  1.00 28.21 ? 46   ILE A CD1   1 
ATOM   343 N  N     . GLY A 1 46 ? -2.796  -12.062 15.627  1.00 35.05 ? 47   GLY A N     1 
ATOM   344 C  CA    . GLY A 1 46 ? -3.813  -12.298 16.653  1.00 39.19 ? 47   GLY A CA    1 
ATOM   345 C  C     . GLY A 1 46 ? -5.266  -11.936 16.328  1.00 41.80 ? 47   GLY A C     1 
ATOM   346 O  O     . GLY A 1 46 ? -6.189  -12.709 16.640  1.00 42.86 ? 47   GLY A O     1 
ATOM   347 N  N     . ALA A 1 47 ? -5.476  -10.772 15.715  1.00 43.10 ? 48   ALA A N     1 
ATOM   348 C  CA    . ALA A 1 47 ? -6.818  -10.314 15.357  1.00 44.48 ? 48   ALA A CA    1 
ATOM   349 C  C     . ALA A 1 47 ? -7.388  -10.925 14.065  1.00 45.19 ? 48   ALA A C     1 
ATOM   350 O  O     . ALA A 1 47 ? -8.426  -10.461 13.578  1.00 45.71 ? 48   ALA A O     1 
ATOM   351 C  CB    . ALA A 1 47 ? -6.852  -8.777  15.262  1.00 44.46 ? 48   ALA A CB    1 
ATOM   352 N  N     . VAL A 1 48 ? -6.734  -11.946 13.503  1.00 45.32 ? 49   VAL A N     1 
ATOM   353 C  CA    . VAL A 1 48 ? -7.186  -12.479 12.207  1.00 45.30 ? 49   VAL A CA    1 
ATOM   354 C  C     . VAL A 1 48 ? -7.231  -14.004 12.182  1.00 45.45 ? 49   VAL A C     1 
ATOM   355 O  O     . VAL A 1 48 ? -6.494  -14.662 12.918  1.00 46.18 ? 49   VAL A O     1 
ATOM   356 C  CB    . VAL A 1 48 ? -6.340  -11.931 11.001  1.00 45.58 ? 49   VAL A CB    1 
ATOM   357 C  CG1   . VAL A 1 48 ? -6.648  -10.454 10.728  1.00 44.06 ? 49   VAL A CG1   1 
ATOM   358 C  CG2   . VAL A 1 48 ? -4.831  -12.155 11.214  1.00 43.48 ? 49   VAL A CG2   1 
ATOM   359 N  N     . GLU A 1 49 ? -8.098  -14.557 11.336  1.00 45.11 ? 50   GLU A N     1 
ATOM   360 C  CA    . GLU A 1 49 ? -8.163  -15.997 11.128  1.00 44.63 ? 50   GLU A CA    1 
ATOM   361 C  C     . GLU A 1 49 ? -6.919  -16.495 10.381  1.00 42.95 ? 50   GLU A C     1 
ATOM   362 O  O     . GLU A 1 49 ? -6.328  -17.508 10.744  1.00 43.58 ? 50   GLU A O     1 
ATOM   363 C  CB    . GLU A 1 49 ? -9.432  -16.351 10.342  1.00 45.76 ? 50   GLU A CB    1 
ATOM   364 C  CG    . GLU A 1 49 ? -10.170 -17.590 10.839  1.00 49.93 ? 50   GLU A CG    1 
ATOM   365 C  CD    . GLU A 1 49 ? -11.688 -17.459 10.710  1.00 55.08 ? 50   GLU A CD    1 
ATOM   366 O  OE1   . GLU A 1 49 ? -12.173 -16.827 9.732   1.00 56.36 ? 50   GLU A OE1   1 
ATOM   367 O  OE2   . GLU A 1 49 ? -12.402 -17.988 11.595  1.00 57.29 ? 50   GLU A OE2   1 
ATOM   368 N  N     . GLU A 1 50 ? -6.524  -15.784 9.332   1.00 39.78 ? 51   GLU A N     1 
ATOM   369 C  CA    . GLU A 1 50 ? -5.309  -16.119 8.608   1.00 37.02 ? 51   GLU A CA    1 
ATOM   370 C  C     . GLU A 1 50 ? -4.322  -14.967 8.798   1.00 33.57 ? 51   GLU A C     1 
ATOM   371 O  O     . GLU A 1 50 ? -4.742  -13.808 8.790   1.00 32.86 ? 51   GLU A O     1 
ATOM   372 C  CB    . GLU A 1 50 ? -5.616  -16.315 7.118   1.00 38.18 ? 51   GLU A CB    1 
ATOM   373 C  CG    . GLU A 1 50 ? -5.325  -17.725 6.601   1.00 43.43 ? 51   GLU A CG    1 
ATOM   374 C  CD    . GLU A 1 50 ? -4.696  -17.708 5.210   1.00 47.53 ? 51   GLU A CD    1 
ATOM   375 O  OE1   . GLU A 1 50 ? -5.230  -16.980 4.335   1.00 52.34 ? 51   GLU A OE1   1 
ATOM   376 O  OE2   . GLU A 1 50 ? -3.680  -18.414 4.981   1.00 47.42 ? 51   GLU A OE2   1 
ATOM   377 N  N     . ARG A 1 51 ? -3.038  -15.284 8.990   1.00 29.24 ? 52   ARG A N     1 
ATOM   378 C  CA    . ARG A 1 51 ? -1.975  -14.256 9.027   1.00 25.50 ? 52   ARG A CA    1 
ATOM   379 C  C     . ARG A 1 51 ? -2.160  -13.303 7.890   1.00 23.26 ? 52   ARG A C     1 
ATOM   380 O  O     . ARG A 1 51 ? -2.320  -13.744 6.748   1.00 20.99 ? 52   ARG A O     1 
ATOM   381 C  CB    . ARG A 1 51 ? -0.614  -14.885 8.758   1.00 25.29 ? 52   ARG A CB    1 
ATOM   382 C  CG    . ARG A 1 51 ? 0.150   -15.184 9.939   1.00 27.27 ? 52   ARG A CG    1 
ATOM   383 C  CD    . ARG A 1 51 ? 1.452   -15.887 9.657   1.00 25.58 ? 52   ARG A CD    1 
ATOM   384 N  NE    . ARG A 1 51 ? 1.662   -16.879 10.697  1.00 23.52 ? 52   ARG A NE    1 
ATOM   385 C  CZ    . ARG A 1 51 ? 2.662   -17.724 10.740  1.00 22.54 ? 52   ARG A CZ    1 
ATOM   386 N  NH1   . ARG A 1 51 ? 3.618   -17.699 9.813   1.00 20.60 ? 52   ARG A NH1   1 
ATOM   387 N  NH2   . ARG A 1 51 ? 2.737   -18.587 11.740  1.00 23.41 ? 52   ARG A NH2   1 
ATOM   388 N  N     . THR A 1 52 ? -2.026  -12.016 8.170   1.00 21.07 ? 53   THR A N     1 
ATOM   389 C  CA    . THR A 1 52 ? -2.222  -11.008 7.139   1.00 19.48 ? 53   THR A CA    1 
ATOM   390 C  C     . THR A 1 52 ? -0.951  -10.176 7.054   1.00 18.83 ? 53   THR A C     1 
ATOM   391 O  O     . THR A 1 52 ? -0.545  -9.555  8.057   1.00 17.97 ? 53   THR A O     1 
ATOM   392 C  CB    . THR A 1 52 ? -3.440  -10.147 7.497   1.00 20.63 ? 53   THR A CB    1 
ATOM   393 O  OG1   . THR A 1 52 ? -4.595  -11.020 7.604   1.00 22.00 ? 53   THR A OG1   1 
ATOM   394 C  CG2   . THR A 1 52 ? -3.805  -9.194  6.356   1.00 20.83 ? 53   THR A CG2   1 
ATOM   395 N  N     . TYR A 1 53 ? -0.352  -10.163 5.864   1.00 16.81 ? 54   TYR A N     1 
ATOM   396 C  CA    . TYR A 1 53 ? 0.861   -9.396  5.603   1.00 16.04 ? 54   TYR A CA    1 
ATOM   397 C  C     . TYR A 1 53 ? 0.435   -7.970  5.338   1.00 15.63 ? 54   TYR A C     1 
ATOM   398 O  O     . TYR A 1 53 ? -0.572  -7.703  4.687   1.00 15.95 ? 54   TYR A O     1 
ATOM   399 C  CB    . TYR A 1 53 ? 1.653   -9.996  4.407   1.00 15.50 ? 54   TYR A CB    1 
ATOM   400 C  CG    . TYR A 1 53 ? 1.855   -11.457 4.696   1.00 15.79 ? 54   TYR A CG    1 
ATOM   401 C  CD1   . TYR A 1 53 ? 0.980   -12.417 4.181   1.00 18.71 ? 54   TYR A CD1   1 
ATOM   402 C  CD2   . TYR A 1 53 ? 2.857   -11.868 5.556   1.00 15.62 ? 54   TYR A CD2   1 
ATOM   403 C  CE1   . TYR A 1 53 ? 1.106   -13.756 4.534   1.00 18.51 ? 54   TYR A CE1   1 
ATOM   404 C  CE2   . TYR A 1 53 ? 3.004   -13.213 5.917   1.00 18.08 ? 54   TYR A CE2   1 
ATOM   405 C  CZ    . TYR A 1 53 ? 2.114   -14.150 5.395   1.00 20.60 ? 54   TYR A CZ    1 
ATOM   406 O  OH    . TYR A 1 53 ? 2.212   -15.488 5.748   1.00 23.88 ? 54   TYR A OH    1 
ATOM   407 N  N     . GLN A 1 54 ? 1.218   -7.044  5.850   1.00 14.97 ? 55   GLN A N     1 
ATOM   408 C  CA    . GLN A 1 54 ? 0.942   -5.630  5.568   1.00 15.37 ? 55   GLN A CA    1 
ATOM   409 C  C     . GLN A 1 54 ? 2.211   -4.952  5.083   1.00 14.96 ? 55   GLN A C     1 
ATOM   410 O  O     . GLN A 1 54 ? 3.315   -5.243  5.571   1.00 14.88 ? 55   GLN A O     1 
ATOM   411 C  CB    . GLN A 1 54 ? 0.490   -4.932  6.859   1.00 15.50 ? 55   GLN A CB    1 
ATOM   412 C  CG    . GLN A 1 54 ? -0.770  -5.596  7.488   1.00 19.85 ? 55   GLN A CG    1 
ATOM   413 C  CD    . GLN A 1 54 ? -1.306  -4.769  8.636   1.00 23.61 ? 55   GLN A CD    1 
ATOM   414 O  OE1   . GLN A 1 54 ? -0.628  -3.831  9.095   1.00 25.47 ? 55   GLN A OE1   1 
ATOM   415 N  NE2   . GLN A 1 54 ? -2.492  -5.103  9.104   1.00 26.30 ? 55   GLN A NE2   1 
ATOM   416 N  N     . THR A 1 55 ? 2.030   -4.058  4.114   1.00 14.40 ? 56   THR A N     1 
ATOM   417 C  CA    . THR A 1 55 ? 3.117   -3.279  3.574   1.00 14.62 ? 56   THR A CA    1 
ATOM   418 C  C     . THR A 1 55 ? 2.622   -1.862  3.517   1.00 15.41 ? 56   THR A C     1 
ATOM   419 O  O     . THR A 1 55 ? 1.573   -1.581  2.905   1.00 14.64 ? 56   THR A O     1 
ATOM   420 C  CB    . THR A 1 55 ? 3.511   -3.756  2.179   1.00 15.24 ? 56   THR A CB    1 
ATOM   421 O  OG1   . THR A 1 55 ? 4.041   -5.094  2.269   1.00 15.52 ? 56   THR A OG1   1 
ATOM   422 C  CG2   . THR A 1 55 ? 4.694   -2.932  1.694   1.00 13.87 ? 56   THR A CG2   1 
ATOM   423 N  N     . GLU A 1 56 ? 3.366   -0.970  4.170   1.00 14.41 ? 57   GLU A N     1 
ATOM   424 C  CA    . GLU A 1 56 ? 3.010   0.444   4.197   1.00 14.33 ? 57   GLU A CA    1 
ATOM   425 C  C     . GLU A 1 56 ? 3.882   1.132   3.147   1.00 14.24 ? 57   GLU A C     1 
ATOM   426 O  O     . GLU A 1 56 ? 5.098   0.874   3.063   1.00 15.23 ? 57   GLU A O     1 
ATOM   427 C  CB    . GLU A 1 56 ? 3.309   1.012   5.585   1.00 15.68 ? 57   GLU A CB    1 
ATOM   428 C  CG    . GLU A 1 56 ? 2.989   2.508   5.680   1.00 15.17 ? 57   GLU A CG    1 
ATOM   429 C  CD    . GLU A 1 56 ? 3.193   3.062   7.066   1.00 22.96 ? 57   GLU A CD    1 
ATOM   430 O  OE1   . GLU A 1 56 ? 4.265   2.778   7.656   1.00 22.84 ? 57   GLU A OE1   1 
ATOM   431 O  OE2   . GLU A 1 56 ? 2.271   3.734   7.576   1.00 25.57 ? 57   GLU A OE2   1 
ATOM   432 N  N     . VAL A 1 57 ? 3.245   1.972   2.326   1.00 14.42 ? 58   VAL A N     1 
ATOM   433 C  CA    . VAL A 1 57 ? 3.907   2.624   1.206   1.00 14.02 ? 58   VAL A CA    1 
ATOM   434 C  C     . VAL A 1 57 ? 3.560   4.101   1.194   1.00 14.50 ? 58   VAL A C     1 
ATOM   435 O  O     . VAL A 1 57 ? 2.411   4.490   1.485   1.00 15.26 ? 58   VAL A O     1 
ATOM   436 C  CB    . VAL A 1 57 ? 3.510   2.026   -0.186  1.00 15.01 ? 58   VAL A CB    1 
ATOM   437 C  CG1   . VAL A 1 57 ? 4.356   0.731   -0.503  1.00 17.00 ? 58   VAL A CG1   1 
ATOM   438 C  CG2   . VAL A 1 57 ? 1.994   1.764   -0.275  1.00 15.87 ? 58   VAL A CG2   1 
ATOM   439 N  N     . GLN A 1 58 ? 4.564   4.925   0.850   1.00 13.76 ? 59   GLN A N     1 
ATOM   440 C  CA    . GLN A 1 58 ? 4.263   6.277   0.392   1.00 13.86 ? 59   GLN A CA    1 
ATOM   441 C  C     . GLN A 1 58 ? 3.942   6.144   -1.103  1.00 14.33 ? 59   GLN A C     1 
ATOM   442 O  O     . GLN A 1 58 ? 4.792   5.718   -1.890  1.00 14.61 ? 59   GLN A O     1 
ATOM   443 C  CB    . GLN A 1 58 ? 5.466   7.218   0.585   1.00 14.09 ? 59   GLN A CB    1 
ATOM   444 C  CG    . GLN A 1 58 ? 5.779   7.444   2.082   1.00 14.50 ? 59   GLN A CG    1 
ATOM   445 C  CD    . GLN A 1 58 ? 4.904   8.555   2.729   1.00 14.11 ? 59   GLN A CD    1 
ATOM   446 O  OE1   . GLN A 1 58 ? 3.868   8.943   2.186   1.00 14.82 ? 59   GLN A OE1   1 
ATOM   447 N  NE2   . GLN A 1 58 ? 5.326   9.041   3.893   1.00 15.25 ? 59   GLN A NE2   1 
ATOM   448 N  N     . VAL A 1 59 ? 2.721   6.500   -1.484  1.00 14.44 ? 60   VAL A N     1 
ATOM   449 C  CA    . VAL A 1 59 ? 2.357   6.457   -2.915  1.00 15.40 ? 60   VAL A CA    1 
ATOM   450 C  C     . VAL A 1 59 ? 2.382   7.875   -3.466  1.00 15.10 ? 60   VAL A C     1 
ATOM   451 O  O     . VAL A 1 59 ? 1.634   8.738   -2.987  1.00 13.96 ? 60   VAL A O     1 
ATOM   452 C  CB    . VAL A 1 59 ? 0.943   5.808   -3.119  1.00 15.56 ? 60   VAL A CB    1 
ATOM   453 C  CG1   . VAL A 1 59 ? 0.620   5.700   -4.651  1.00 14.73 ? 60   VAL A CG1   1 
ATOM   454 C  CG2   . VAL A 1 59 ? 0.913   4.396   -2.513  1.00 16.64 ? 60   VAL A CG2   1 
ATOM   455 N  N     . ALA A 1 60 ? 3.268   8.100   -4.452  1.00 16.40 ? 61   ALA A N     1 
ATOM   456 C  CA    . ALA A 1 60 ? 3.445   9.398   -5.097  1.00 16.57 ? 61   ALA A CA    1 
ATOM   457 C  C     . ALA A 1 60 ? 2.571   9.535   -6.347  1.00 17.11 ? 61   ALA A C     1 
ATOM   458 O  O     . ALA A 1 60 ? 2.491   8.619   -7.184  1.00 16.70 ? 61   ALA A O     1 
ATOM   459 C  CB    . ALA A 1 60 ? 4.897   9.600   -5.493  1.00 15.88 ? 61   ALA A CB    1 
ATOM   460 N  N     . PHE A 1 61 ? 1.959   10.708  -6.466  1.00 17.31 ? 62   PHE A N     1 
ATOM   461 C  CA    . PHE A 1 61 ? 1.156   11.047  -7.653  1.00 19.59 ? 62   PHE A CA    1 
ATOM   462 C  C     . PHE A 1 61 ? 1.424   12.480  -8.097  1.00 20.81 ? 62   PHE A C     1 
ATOM   463 O  O     . PHE A 1 61 ? 1.768   13.349  -7.284  1.00 19.18 ? 62   PHE A O     1 
ATOM   464 C  CB    . PHE A 1 61 ? -0.338  10.766  -7.433  1.00 19.47 ? 62   PHE A CB    1 
ATOM   465 C  CG    . PHE A 1 61 ? -0.945  11.477  -6.236  1.00 20.31 ? 62   PHE A CG    1 
ATOM   466 C  CD1   . PHE A 1 61 ? -1.730  12.621  -6.409  1.00 21.72 ? 62   PHE A CD1   1 
ATOM   467 C  CD2   . PHE A 1 61 ? -0.747  10.986  -4.957  1.00 21.31 ? 62   PHE A CD2   1 
ATOM   468 C  CE1   . PHE A 1 61 ? -2.306  13.266  -5.285  1.00 21.76 ? 62   PHE A CE1   1 
ATOM   469 C  CE2   . PHE A 1 61 ? -1.281  11.620  -3.845  1.00 24.18 ? 62   PHE A CE2   1 
ATOM   470 C  CZ    . PHE A 1 61 ? -2.083  12.753  -4.002  1.00 23.58 ? 62   PHE A CZ    1 
ATOM   471 N  N     . GLU A 1 62 ? 1.330   12.716  -9.401  1.00 23.28 ? 63   GLU A N     1 
ATOM   472 C  CA    . GLU A 1 62 ? 1.654   14.032  -9.938  1.00 26.88 ? 63   GLU A CA    1 
ATOM   473 C  C     . GLU A 1 62 ? 0.426   14.925  -9.846  1.00 28.89 ? 63   GLU A C     1 
ATOM   474 O  O     . GLU A 1 62 ? -0.669  14.552  -10.305 1.00 29.21 ? 63   GLU A O     1 
ATOM   475 C  CB    . GLU A 1 62 ? 2.168   13.950  -11.392 1.00 27.43 ? 63   GLU A CB    1 
ATOM   476 C  CG    . GLU A 1 62 ? 2.847   15.240  -11.837 1.00 32.68 ? 63   GLU A CG    1 
ATOM   477 C  CD    . GLU A 1 62 ? 3.800   15.050  -13.007 1.00 41.67 ? 63   GLU A CD    1 
ATOM   478 O  OE1   . GLU A 1 62 ? 3.557   14.125  -13.834 1.00 42.51 ? 63   GLU A OE1   1 
ATOM   479 O  OE2   . GLU A 1 62 ? 4.792   15.835  -13.093 1.00 44.69 ? 63   GLU A OE2   1 
ATOM   480 N  N     . LEU A 1 63 ? 0.603   16.090  -9.227  1.00 29.82 ? 64   LEU A N     1 
ATOM   481 C  CA    . LEU A 1 63 ? -0.462  17.079  -9.141  1.00 33.22 ? 64   LEU A CA    1 
ATOM   482 C  C     . LEU A 1 63 ? -0.626  17.768  -10.506 1.00 35.95 ? 64   LEU A C     1 
ATOM   483 O  O     . LEU A 1 63 ? 0.358   17.961  -11.228 1.00 36.29 ? 64   LEU A O     1 
ATOM   484 C  CB    . LEU A 1 63 ? -0.149  18.093  -8.047  1.00 32.04 ? 64   LEU A CB    1 
ATOM   485 C  CG    . LEU A 1 63 ? -0.134  17.503  -6.631  1.00 30.27 ? 64   LEU A CG    1 
ATOM   486 C  CD1   . LEU A 1 63 ? 0.207   18.575  -5.627  1.00 29.49 ? 64   LEU A CD1   1 
ATOM   487 C  CD2   . LEU A 1 63 ? -1.469  16.837  -6.243  1.00 31.61 ? 64   LEU A CD2   1 
ATOM   488 N  N     . ASP A 1 64 ? -1.867  18.133  -10.831 1.00 40.07 ? 65   ASP A N     1 
ATOM   489 C  CA    . ASP A 1 64 ? -2.248  18.640  -12.168 1.00 43.94 ? 65   ASP A CA    1 
ATOM   490 C  C     . ASP A 1 64 ? -2.043  17.565  -13.232 1.00 45.02 ? 65   ASP A C     1 
ATOM   491 O  O     . ASP A 1 64 ? -2.735  17.560  -14.259 1.00 47.30 ? 65   ASP A O     1 
ATOM   492 C  CB    . ASP A 1 64 ? -1.466  19.909  -12.559 1.00 44.80 ? 65   ASP A CB    1 
ATOM   493 C  CG    . ASP A 1 64 ? -1.784  21.095  -11.670 1.00 48.67 ? 65   ASP A CG    1 
ATOM   494 O  OD1   . ASP A 1 64 ? -1.838  20.937  -10.419 1.00 51.93 ? 65   ASP A OD1   1 
ATOM   495 O  OD2   . ASP A 1 64 ? -1.989  22.244  -12.144 1.00 53.23 ? 65   ASP A OD2   1 
HETATM 496 MG MG    . MG  B 2 .  ? -4.856  -17.599 0.795   1.00 29.57 ? 101  MG  A MG    1 
HETATM 497 MG MG    . MG  C 2 .  ? 13.128  10.603  -2.026  1.00 48.76 ? 102  MG  A MG    1 
HETATM 498 NA NA    . NA  D 3 .  ? 1.975   12.032  5.117   0.33 21.32 ? 103  NA  A NA    1 
HETATM 499 CL CL    . CL  E 4 .  ? 4.402   11.214  6.110   0.33 18.61 ? 105  CL  A CL    1 
HETATM 500 S  S     . SO4 F 5 .  ? 7.699   -11.239 -1.376  0.33 25.73 ? 300  SO4 A S     1 
HETATM 501 O  O1    . SO4 F 5 .  ? 8.292   -10.157 -0.583  0.33 22.76 ? 300  SO4 A O1    1 
HETATM 502 O  O2    . SO4 F 5 .  ? 7.828   -12.492 -0.612  0.33 24.38 ? 300  SO4 A O2    1 
HETATM 503 O  O3    . SO4 F 5 .  ? 6.270   -10.919 -1.615  0.33 15.28 ? 300  SO4 A O3    1 
HETATM 504 O  O4    . SO4 F 5 .  ? 8.414   -11.355 -2.664  0.33 14.27 ? 300  SO4 A O4    1 
HETATM 505 C  C1B   . FAD G 6 .  ? 13.435  4.204   -11.702 0.50 56.47 ? 1066 FAD A C1B   1 
HETATM 506 N  N9A   . FAD G 6 .  ? 13.841  4.483   -10.249 0.50 56.92 ? 1066 FAD A N9A   1 
HETATM 507 C  C8A   . FAD G 6 .  ? 14.029  3.685   -9.147  0.50 57.02 ? 1066 FAD A C8A   1 
HETATM 508 N  N7A   . FAD G 6 .  ? 14.366  4.374   -7.995  0.50 56.42 ? 1066 FAD A N7A   1 
HETATM 509 C  C5A   . FAD G 6 .  ? 14.391  5.682   -8.447  0.50 56.29 ? 1066 FAD A C5A   1 
HETATM 510 C  C6A   . FAD G 6 .  ? 14.662  6.877   -7.811  0.50 55.61 ? 1066 FAD A C6A   1 
HETATM 511 N  N6A   . FAD G 6 .  ? 14.980  6.868   -6.500  0.50 55.66 ? 1066 FAD A N6A   1 
HETATM 512 N  N1A   . FAD G 6 .  ? 14.615  8.037   -8.500  0.50 56.77 ? 1066 FAD A N1A   1 
HETATM 513 C  C2A   . FAD G 6 .  ? 14.303  8.032   -9.811  0.50 58.09 ? 1066 FAD A C2A   1 
HETATM 514 N  N3A   . FAD G 6 .  ? 14.038  6.873   -10.452 0.50 57.86 ? 1066 FAD A N3A   1 
HETATM 515 C  C4A   . FAD G 6 .  ? 14.077  5.703   -9.758  0.50 56.97 ? 1066 FAD A C4A   1 
HETATM 516 N  N1    . FAD G 6 .  ? 10.843  10.379  -9.975  0.50 15.27 ? 1066 FAD A N1    1 
HETATM 517 C  C2    . FAD G 6 .  ? 11.082  11.660  -9.593  0.50 17.36 ? 1066 FAD A C2    1 
HETATM 518 O  O2    . FAD G 6 .  ? 10.992  12.546  -10.474 0.50 17.14 ? 1066 FAD A O2    1 
HETATM 519 N  N3    . FAD G 6 .  ? 11.368  11.982  -8.295  0.50 16.51 ? 1066 FAD A N3    1 
HETATM 520 C  C4    . FAD G 6 .  ? 11.520  11.081  -7.341  0.50 13.34 ? 1066 FAD A C4    1 
HETATM 521 O  O4    . FAD G 6 .  ? 11.769  11.393  -6.183  0.50 15.27 ? 1066 FAD A O4    1 
HETATM 522 C  C4X   . FAD G 6 .  ? 11.267  9.668   -7.662  0.50 12.93 ? 1066 FAD A C4X   1 
HETATM 523 N  N5    . FAD G 6 .  ? 11.381  8.683   -6.754  0.50 14.03 ? 1066 FAD A N5    1 
HETATM 524 C  C5X   . FAD G 6 .  ? 11.151  7.384   -7.138  0.50 12.95 ? 1066 FAD A C5X   1 
HETATM 525 C  C6    . FAD G 6 .  ? 11.233  6.364   -6.234  0.50 14.57 ? 1066 FAD A C6    1 
HETATM 526 C  C7    . FAD G 6 .  ? 11.009  5.044   -6.615  0.50 12.52 ? 1066 FAD A C7    1 
HETATM 527 C  C7M   . FAD G 6 .  ? 11.091  3.970   -5.547  0.50 13.38 ? 1066 FAD A C7M   1 
HETATM 528 C  C8    . FAD G 6 .  ? 10.672  4.713   -8.018  0.50 11.87 ? 1066 FAD A C8    1 
HETATM 529 C  C8M   . FAD G 6 .  ? 10.404  3.314   -8.516  0.50 13.46 ? 1066 FAD A C8M   1 
HETATM 530 C  C9    . FAD G 6 .  ? 10.576  5.719   -8.926  0.50 13.04 ? 1066 FAD A C9    1 
HETATM 531 C  C9A   . FAD G 6 .  ? 10.795  7.042   -8.541  0.50 13.73 ? 1066 FAD A C9A   1 
HETATM 532 N  N10   . FAD G 6 .  ? 10.688  8.079   -9.501  0.50 16.19 ? 1066 FAD A N10   1 
HETATM 533 C  C10   . FAD G 6 .  ? 10.928  9.376   -9.065  0.50 14.08 ? 1066 FAD A C10   1 
HETATM 534 C  "C1'" . FAD G 6 .  ? 10.401  7.857   -10.942 0.50 16.02 ? 1066 FAD A "C1'" 1 
HETATM 535 C  "C2'" . FAD G 6 .  ? 8.976   8.087   -11.423 0.50 16.88 ? 1066 FAD A "C2'" 1 
HETATM 536 O  "O2'" . FAD G 6 .  ? 8.182   6.975   -11.022 0.50 14.92 ? 1066 FAD A "O2'" 1 
HETATM 537 C  "C3'" . FAD G 6 .  ? 8.877   8.191   -12.942 0.50 23.27 ? 1066 FAD A "C3'" 1 
HETATM 538 O  "O3'" . FAD G 6 .  ? 9.340   6.991   -13.575 0.50 26.51 ? 1066 FAD A "O3'" 1 
HETATM 539 C  "C4'" . FAD G 6 .  ? 9.669   9.320   -13.591 0.50 26.91 ? 1066 FAD A "C4'" 1 
HETATM 540 O  "O4'" . FAD G 6 .  ? 9.555   10.548  -12.864 0.50 30.89 ? 1066 FAD A "O4'" 1 
HETATM 541 C  "C5'" . FAD G 6 .  ? 9.183   9.488   -15.019 0.50 29.36 ? 1066 FAD A "C5'" 1 
HETATM 542 O  "O5'" . FAD G 6 .  ? 7.926   8.832   -15.221 0.50 34.08 ? 1066 FAD A "O5'" 1 
HETATM 543 O  O     . HOH H 7 .  ? 5.406   -15.521 -4.437  0.33 39.99 ? 2001 HOH A O     1 
HETATM 544 O  O     . HOH H 7 .  ? 5.971   17.154  -10.823 1.00 35.49 ? 2002 HOH A O     1 
HETATM 545 O  O     . HOH H 7 .  ? -4.942  12.852  -1.018  1.00 64.00 ? 2003 HOH A O     1 
HETATM 546 O  O     . HOH H 7 .  ? -2.710  19.321  -0.391  1.00 43.48 ? 2004 HOH A O     1 
HETATM 547 O  O     . HOH H 7 .  ? -4.935  15.209  -3.079  1.00 50.11 ? 2005 HOH A O     1 
HETATM 548 O  O     . HOH H 7 .  ? -0.465  12.852  4.119   0.33 25.70 ? 2006 HOH A O     1 
HETATM 549 O  O     . HOH H 7 .  ? 8.871   8.472   1.032   1.00 34.60 ? 2007 HOH A O     1 
HETATM 550 O  O     . HOH H 7 .  ? 0.565   14.239  1.910   1.00 21.04 ? 2008 HOH A O     1 
HETATM 551 O  O     . HOH H 7 .  ? 0.931   0.733   8.983   1.00 30.16 ? 2009 HOH A O     1 
HETATM 552 O  O     . HOH H 7 .  ? -0.440  3.834   6.410   1.00 21.42 ? 2010 HOH A O     1 
HETATM 553 O  O     . HOH H 7 .  ? -4.643  -7.970  -1.059  1.00 33.60 ? 2011 HOH A O     1 
HETATM 554 O  O     . HOH H 7 .  ? -6.125  -8.884  3.242   1.00 28.14 ? 2012 HOH A O     1 
HETATM 555 O  O     . HOH H 7 .  ? -7.017  -6.751  1.342   1.00 43.81 ? 2013 HOH A O     1 
HETATM 556 O  O     . HOH H 7 .  ? -3.674  -10.384 -1.754  1.00 28.65 ? 2014 HOH A O     1 
HETATM 557 O  O     . HOH H 7 .  ? -5.723  -11.557 0.642   1.00 30.31 ? 2015 HOH A O     1 
HETATM 558 O  O     . HOH H 7 .  ? -6.375  -16.278 1.679   1.00 30.72 ? 2016 HOH A O     1 
HETATM 559 O  O     . HOH H 7 .  ? 1.942   -17.084 0.906   1.00 46.71 ? 2017 HOH A O     1 
HETATM 560 O  O     . HOH H 7 .  ? 1.621   -13.220 -3.742  1.00 21.89 ? 2018 HOH A O     1 
HETATM 561 O  O     . HOH H 7 .  ? -3.030  -7.266  -3.754  1.00 21.19 ? 2019 HOH A O     1 
HETATM 562 O  O     . HOH H 7 .  ? -1.052  -8.198  -5.975  1.00 24.27 ? 2020 HOH A O     1 
HETATM 563 O  O     . HOH H 7 .  ? 2.517   -8.786  -7.850  1.00 47.14 ? 2021 HOH A O     1 
HETATM 564 O  O     . HOH H 7 .  ? -6.721  -3.899  2.447   1.00 27.76 ? 2022 HOH A O     1 
HETATM 565 O  O     . HOH H 7 .  ? -5.807  -6.680  -2.932  1.00 50.10 ? 2023 HOH A O     1 
HETATM 566 O  O     . HOH H 7 .  ? -7.070  -2.002  -2.852  1.00 30.61 ? 2024 HOH A O     1 
HETATM 567 O  O     . HOH H 7 .  ? -8.324  -4.174  -0.317  1.00 44.12 ? 2025 HOH A O     1 
HETATM 568 O  O     . HOH H 7 .  ? 7.108   10.308  7.217   0.33 36.10 ? 2026 HOH A O     1 
HETATM 569 O  O     . HOH H 7 .  ? -3.149  -6.125  -6.708  1.00 25.47 ? 2027 HOH A O     1 
HETATM 570 O  O     . HOH H 7 .  ? -6.167  -5.149  -4.327  1.00 41.93 ? 2028 HOH A O     1 
HETATM 571 O  O     . HOH H 7 .  ? -10.100 0.469   0.493   1.00 53.14 ? 2029 HOH A O     1 
HETATM 572 O  O     . HOH H 7 .  ? -1.027  4.758   -12.270 1.00 41.26 ? 2030 HOH A O     1 
HETATM 573 O  O     . HOH H 7 .  ? -5.142  -0.377  -10.155 1.00 42.14 ? 2031 HOH A O     1 
HETATM 574 O  O     . HOH H 7 .  ? -8.494  -2.195  -7.633  1.00 55.74 ? 2032 HOH A O     1 
HETATM 575 O  O     . HOH H 7 .  ? -7.194  -0.002  -8.756  1.00 40.20 ? 2033 HOH A O     1 
HETATM 576 O  O     . HOH H 7 .  ? -8.890  -0.932  -4.755  1.00 43.88 ? 2034 HOH A O     1 
HETATM 577 O  O     . HOH H 7 .  ? -5.465  6.423   -11.243 1.00 47.24 ? 2035 HOH A O     1 
HETATM 578 O  O     . HOH H 7 .  ? -6.938  14.360  -12.717 1.00 72.18 ? 2036 HOH A O     1 
HETATM 579 O  O     . HOH H 7 .  ? -5.831  13.143  -8.448  1.00 43.93 ? 2037 HOH A O     1 
HETATM 580 O  O     . HOH H 7 .  ? -4.125  8.930   -13.951 1.00 48.74 ? 2038 HOH A O     1 
HETATM 581 O  O     . HOH H 7 .  ? -2.995  6.548   -11.799 1.00 30.46 ? 2039 HOH A O     1 
HETATM 582 O  O     . HOH H 7 .  ? 0.745   7.670   -13.993 1.00 41.02 ? 2040 HOH A O     1 
HETATM 583 O  O     . HOH H 7 .  ? 12.135  9.261   -0.358  1.00 38.13 ? 2041 HOH A O     1 
HETATM 584 O  O     . HOH H 7 .  ? 12.088  0.782   1.517   1.00 30.16 ? 2042 HOH A O     1 
HETATM 585 O  O     . HOH H 7 .  ? 8.568   -2.317  11.184  1.00 58.51 ? 2043 HOH A O     1 
HETATM 586 O  O     . HOH H 7 .  ? 10.642  -0.147  8.380   1.00 48.51 ? 2044 HOH A O     1 
HETATM 587 O  O     . HOH H 7 .  ? 7.544   1.738   12.373  1.00 51.89 ? 2045 HOH A O     1 
HETATM 588 O  O     . HOH H 7 .  ? 5.996   -3.014  10.871  1.00 31.43 ? 2046 HOH A O     1 
HETATM 589 O  O     . HOH H 7 .  ? 10.410  -3.045  5.744   1.00 33.13 ? 2047 HOH A O     1 
HETATM 590 O  O     . HOH H 7 .  ? 9.731   -7.671  1.193   0.33 24.01 ? 2048 HOH A O     1 
HETATM 591 O  O     . HOH H 7 .  ? 3.407   -2.366  8.234   1.00 31.14 ? 2049 HOH A O     1 
HETATM 592 O  O     . HOH H 7 .  ? -5.750  -14.838 15.269  1.00 62.37 ? 2050 HOH A O     1 
HETATM 593 O  O     . HOH H 7 .  ? -13.585 -16.418 13.480  1.00 68.84 ? 2051 HOH A O     1 
HETATM 594 O  O     . HOH H 7 .  ? -10.118 -13.075 10.156  1.00 58.66 ? 2052 HOH A O     1 
HETATM 595 O  O     . HOH H 7 .  ? -3.580  -17.094 2.467   1.00 28.43 ? 2053 HOH A O     1 
HETATM 596 O  O     . HOH H 7 .  ? -4.902  -20.872 4.185   1.00 49.70 ? 2054 HOH A O     1 
HETATM 597 O  O     . HOH H 7 .  ? -0.409  -17.337 12.603  1.00 32.15 ? 2055 HOH A O     1 
HETATM 598 O  O     . HOH H 7 .  ? 0.322   -19.087 8.326   1.00 38.96 ? 2056 HOH A O     1 
HETATM 599 O  O     . HOH H 7 .  ? -2.422  -18.308 8.754   1.00 42.26 ? 2057 HOH A O     1 
HETATM 600 O  O     . HOH H 7 .  ? -1.960  -16.006 5.385   1.00 30.54 ? 2058 HOH A O     1 
HETATM 601 O  O     . HOH H 7 .  ? -7.053  -10.859 6.432   1.00 46.39 ? 2059 HOH A O     1 
HETATM 602 O  O     . HOH H 7 .  ? 0.343   -17.368 5.692   1.00 39.24 ? 2060 HOH A O     1 
HETATM 603 O  O     . HOH H 7 .  ? 1.451   -2.569  9.396   1.00 50.16 ? 2061 HOH A O     1 
HETATM 604 O  O     . HOH H 7 .  ? -4.866  -6.970  8.928   1.00 42.87 ? 2062 HOH A O     1 
HETATM 605 O  O     . HOH H 7 .  ? 5.372   3.753   9.340   1.00 40.85 ? 2063 HOH A O     1 
HETATM 606 O  O     . HOH H 7 .  ? 3.646   1.069   9.404   1.00 37.38 ? 2064 HOH A O     1 
HETATM 607 O  O     . HOH H 7 .  ? 7.674   7.991   5.631   1.00 37.44 ? 2065 HOH A O     1 
HETATM 608 O  O     . HOH H 7 .  ? 2.243   11.050  3.037   1.00 14.85 ? 2066 HOH A O     1 
HETATM 609 O  O     . HOH H 7 .  ? -4.048  17.925  -8.843  1.00 40.58 ? 2067 HOH A O     1 
HETATM 610 O  O     . HOH H 7 .  ? 6.439   -13.646 -3.092  0.33 35.66 ? 2068 HOH A O     1 
HETATM 611 O  O     . HOH H 7 .  ? 15.742  5.607   -4.927  1.00 42.64 ? 2069 HOH A O     1 
HETATM 612 O  O     . HOH H 7 .  ? 13.505  7.141   -4.680  0.50 54.08 ? 2070 HOH A O     1 
# 
loop_
_pdbx_poly_seq_scheme.asym_id 
_pdbx_poly_seq_scheme.entity_id 
_pdbx_poly_seq_scheme.seq_id 
_pdbx_poly_seq_scheme.mon_id 
_pdbx_poly_seq_scheme.ndb_seq_num 
_pdbx_poly_seq_scheme.pdb_seq_num 
_pdbx_poly_seq_scheme.auth_seq_num 
_pdbx_poly_seq_scheme.pdb_mon_id 
_pdbx_poly_seq_scheme.auth_mon_id 
_pdbx_poly_seq_scheme.pdb_strand_id 
_pdbx_poly_seq_scheme.pdb_ins_code 
_pdbx_poly_seq_scheme.hetero 
A 1 1  VAL 1  2  2  VAL VAL A . n 
A 1 2  PHE 2  3  3  PHE PHE A . n 
A 1 3  LYS 3  4  4  LYS LYS A . n 
A 1 4  LYS 4  5  5  LYS LYS A . n 
A 1 5  VAL 5  6  6  VAL VAL A . n 
A 1 6  LEU 6  7  7  LEU LEU A . n 
A 1 7  LEU 7  8  8  LEU LEU A . n 
A 1 8  THR 8  9  9  THR THR A . n 
A 1 9  GLY 9  10 10 GLY GLY A . n 
A 1 10 THR 10 11 11 THR THR A . n 
A 1 11 SER 11 12 12 SER SER A . n 
A 1 12 GLU 12 13 13 GLU GLU A . n 
A 1 13 GLU 13 14 14 GLU GLU A . n 
A 1 14 SER 14 15 15 SER SER A . n 
A 1 15 PHE 15 16 16 PHE PHE A . n 
A 1 16 THR 16 17 17 THR THR A . n 
A 1 17 ALA 17 18 18 ALA ALA A . n 
A 1 18 ALA 18 19 19 ALA ALA A . n 
A 1 19 ALA 19 20 20 ALA ALA A . n 
A 1 20 ASP 20 21 21 ASP ASP A . n 
A 1 21 ASP 21 22 22 ASP ASP A . n 
A 1 22 ALA 22 23 23 ALA ALA A . n 
A 1 23 ILE 23 24 24 ILE ILE A . n 
A 1 24 ASP 24 25 25 ASP ASP A . n 
A 1 25 ARG 25 26 26 ARG ARG A . n 
A 1 26 ALA 26 27 27 ALA ALA A . n 
A 1 27 GLU 27 28 28 GLU GLU A . n 
A 1 28 ASP 28 29 29 ASP ASP A . n 
A 1 29 THR 29 30 30 THR THR A . n 
A 1 30 LEU 30 31 31 LEU LEU A . n 
A 1 31 ASP 31 32 32 ASP ASP A . n 
A 1 32 ASN 32 33 33 ASN ASN A . n 
A 1 33 VAL 33 34 34 VAL VAL A . n 
A 1 34 VAL 34 35 35 VAL VAL A . n 
A 1 35 TRP 35 36 36 TRP TRP A . n 
A 1 36 ALA 36 37 37 ALA ALA A . n 
A 1 37 GLU 37 38 38 GLU GLU A . n 
A 1 38 VAL 38 39 39 VAL VAL A . n 
A 1 39 VAL 39 40 40 VAL VAL A . n 
A 1 40 ASP 40 41 41 ASP ASP A . n 
A 1 41 GLN 41 42 42 GLN GLN A . n 
A 1 42 GLY 42 43 43 GLY GLY A . n 
A 1 43 VAL 43 44 44 VAL VAL A . n 
A 1 44 GLU 44 45 45 GLU GLU A . n 
A 1 45 ILE 45 46 46 ILE ILE A . n 
A 1 46 GLY 46 47 47 GLY GLY A . n 
A 1 47 ALA 47 48 48 ALA ALA A . n 
A 1 48 VAL 48 49 49 VAL VAL A . n 
A 1 49 GLU 49 50 50 GLU GLU A . n 
A 1 50 GLU 50 51 51 GLU GLU A . n 
A 1 51 ARG 51 52 52 ARG ARG A . n 
A 1 52 THR 52 53 53 THR THR A . n 
A 1 53 TYR 53 54 54 TYR TYR A . n 
A 1 54 GLN 54 55 55 GLN GLN A . n 
A 1 55 THR 55 56 56 THR THR A . n 
A 1 56 GLU 56 57 57 GLU GLU A . n 
A 1 57 VAL 57 58 58 VAL VAL A . n 
A 1 58 GLN 58 59 59 GLN GLN A . n 
A 1 59 VAL 59 60 60 VAL VAL A . n 
A 1 60 ALA 60 61 61 ALA ALA A . n 
A 1 61 PHE 61 62 62 PHE PHE A . n 
A 1 62 GLU 62 63 63 GLU GLU A . n 
A 1 63 LEU 63 64 64 LEU LEU A . n 
A 1 64 ASP 64 65 65 ASP ASP A . n 
# 
loop_
_pdbx_nonpoly_scheme.asym_id 
_pdbx_nonpoly_scheme.entity_id 
_pdbx_nonpoly_scheme.mon_id 
_pdbx_nonpoly_scheme.ndb_seq_num 
_pdbx_nonpoly_scheme.pdb_seq_num 
_pdbx_nonpoly_scheme.auth_seq_num 
_pdbx_nonpoly_scheme.pdb_mon_id 
_pdbx_nonpoly_scheme.auth_mon_id 
_pdbx_nonpoly_scheme.pdb_strand_id 
_pdbx_nonpoly_scheme.pdb_ins_code 
B 2 MG  1  101  101  MG  MG  A . 
C 2 MG  1  102  102  MG  MG  A . 
D 3 NA  1  103  103  NA  NA  A . 
E 4 CL  1  105  105  CL  CL  A . 
F 5 SO4 1  300  300  SO4 SO4 A . 
G 6 FAD 1  1066 1066 FAD FAD A . 
H 7 HOH 1  2001 2001 HOH HOH A . 
H 7 HOH 2  2002 2002 HOH HOH A . 
H 7 HOH 3  2003 2003 HOH HOH A . 
H 7 HOH 4  2004 2004 HOH HOH A . 
H 7 HOH 5  2005 2005 HOH HOH A . 
H 7 HOH 6  2006 2006 HOH HOH A . 
H 7 HOH 7  2007 2007 HOH HOH A . 
H 7 HOH 8  2008 2008 HOH HOH A . 
H 7 HOH 9  2009 2009 HOH HOH A . 
H 7 HOH 10 2010 2010 HOH HOH A . 
H 7 HOH 11 2011 2011 HOH HOH A . 
H 7 HOH 12 2012 2012 HOH HOH A . 
H 7 HOH 13 2013 2013 HOH HOH A . 
H 7 HOH 14 2014 2014 HOH HOH A . 
H 7 HOH 15 2015 2015 HOH HOH A . 
H 7 HOH 16 2016 2016 HOH HOH A . 
H 7 HOH 17 2017 2017 HOH HOH A . 
H 7 HOH 18 2018 2018 HOH HOH A . 
H 7 HOH 19 2019 2019 HOH HOH A . 
H 7 HOH 20 2020 2020 HOH HOH A . 
H 7 HOH 21 2021 2021 HOH HOH A . 
H 7 HOH 22 2022 2022 HOH HOH A . 
H 7 HOH 23 2023 2023 HOH HOH A . 
H 7 HOH 24 2024 2024 HOH HOH A . 
H 7 HOH 25 2025 2025 HOH HOH A . 
H 7 HOH 26 2026 2026 HOH HOH A . 
H 7 HOH 27 2027 2027 HOH HOH A . 
H 7 HOH 28 2028 2028 HOH HOH A . 
H 7 HOH 29 2029 2029 HOH HOH A . 
H 7 HOH 30 2030 2030 HOH HOH A . 
H 7 HOH 31 2031 2031 HOH HOH A . 
H 7 HOH 32 2032 2032 HOH HOH A . 
H 7 HOH 33 2033 2033 HOH HOH A . 
H 7 HOH 34 2034 2034 HOH HOH A . 
H 7 HOH 35 2035 2035 HOH HOH A . 
H 7 HOH 36 2036 2036 HOH HOH A . 
H 7 HOH 37 2037 2037 HOH HOH A . 
H 7 HOH 38 2038 2038 HOH HOH A . 
H 7 HOH 39 2039 2039 HOH HOH A . 
H 7 HOH 40 2040 2040 HOH HOH A . 
H 7 HOH 41 2041 2041 HOH HOH A . 
H 7 HOH 42 2042 2042 HOH HOH A . 
H 7 HOH 43 2043 2043 HOH HOH A . 
H 7 HOH 44 2044 2044 HOH HOH A . 
H 7 HOH 45 2045 2045 HOH HOH A . 
H 7 HOH 46 2046 2046 HOH HOH A . 
H 7 HOH 47 2047 2047 HOH HOH A . 
H 7 HOH 48 2048 2048 HOH HOH A . 
H 7 HOH 49 2049 2049 HOH HOH A . 
H 7 HOH 50 2050 2050 HOH HOH A . 
H 7 HOH 51 2051 2051 HOH HOH A . 
H 7 HOH 52 2052 2052 HOH HOH A . 
H 7 HOH 53 2053 2053 HOH HOH A . 
H 7 HOH 54 2054 2054 HOH HOH A . 
H 7 HOH 55 2055 2055 HOH HOH A . 
H 7 HOH 56 2056 2056 HOH HOH A . 
H 7 HOH 57 2057 2057 HOH HOH A . 
H 7 HOH 58 2058 2058 HOH HOH A . 
H 7 HOH 59 2059 2059 HOH HOH A . 
H 7 HOH 60 2060 2060 HOH HOH A . 
H 7 HOH 61 2061 2061 HOH HOH A . 
H 7 HOH 62 2062 2062 HOH HOH A . 
H 7 HOH 63 2063 2063 HOH HOH A . 
H 7 HOH 64 2064 2064 HOH HOH A . 
H 7 HOH 65 2065 2065 HOH HOH A . 
H 7 HOH 66 2066 2066 HOH HOH A . 
H 7 HOH 67 2067 2067 HOH HOH A . 
H 7 HOH 68 2068 2068 HOH HOH A . 
H 7 HOH 69 2069 2069 HOH HOH A . 
H 7 HOH 70 2070 2070 HOH HOH A . 
# 
_pdbx_struct_assembly.id                   1 
_pdbx_struct_assembly.details              author_and_software_defined_assembly 
_pdbx_struct_assembly.method_details       PQS 
_pdbx_struct_assembly.oligomeric_details   dodecameric 
_pdbx_struct_assembly.oligomeric_count     12 
# 
_pdbx_struct_assembly_gen.assembly_id       1 
_pdbx_struct_assembly_gen.oper_expression   1,2,3,4,5,6,7,8,9,10,11,12 
_pdbx_struct_assembly_gen.asym_id_list      A,B,C,D,E,F,G,H 
# 
loop_
_pdbx_struct_oper_list.id 
_pdbx_struct_oper_list.type 
_pdbx_struct_oper_list.name 
_pdbx_struct_oper_list.symmetry_operation 
_pdbx_struct_oper_list.matrix[1][1] 
_pdbx_struct_oper_list.matrix[1][2] 
_pdbx_struct_oper_list.matrix[1][3] 
_pdbx_struct_oper_list.vector[1] 
_pdbx_struct_oper_list.matrix[2][1] 
_pdbx_struct_oper_list.matrix[2][2] 
_pdbx_struct_oper_list.matrix[2][3] 
_pdbx_struct_oper_list.vector[2] 
_pdbx_struct_oper_list.matrix[3][1] 
_pdbx_struct_oper_list.matrix[3][2] 
_pdbx_struct_oper_list.matrix[3][3] 
_pdbx_struct_oper_list.vector[3] 
1  'identity operation'         1_555  x,y,z   1.0000000000  0.0000000000  0.0000000000  0.0000000000  0.0000000000  1.0000000000  0.0000000000  0.0000000000   0.0000000000  0.0000000000  1.0000000000  0.0000000000  
2  'crystal symmetry operation' 5_555  z,x,y   -0.2494979700 0.9152929356  -0.3162113297 19.5579491506 -0.0060548317 0.3250571158  0.9456750026  -6.2469547561  0.9683563920  0.2378585998  -0.0755591458 -6.3155314216 
3  'crystal symmetry operation' 9_555  y,z,x   -0.2494979700 -0.0060548317 0.9683563920  10.9575295715 0.9152929356  0.3250571158  0.2378585998  -14.3684321360 -0.3162113297 0.9456750026  -0.0755591458 11.6148379018 
4  'crystal symmetry operation' 80_555 -z,x,-y 0.6717818686  -0.7066380499 0.2221976316  8.0136697501  -0.0804835172 -0.3678166180 -0.9264088401 21.3577703701  0.7363637176  0.6044614148  -0.3039652506 -2.0545207112 
5  'crystal symmetry operation' 59_555 y,-z,-x 0.6717818686  -0.0804835172 0.7363637176  -2.1516150520 -0.7066380499 -0.3678166180 0.6044614148  14.7603853265  0.2221976316  -0.9264088401 -0.3039652506 17.3809059338 
6  'crystal symmetry operation' 82_555 -y,z,-x 0.0518368588  0.4380310897  -0.8974640408 24.1633851786 -0.8747863801 -0.4135817132 -0.2523865206 27.9321757441  -0.4817278582 0.7981722439  0.3617448544  10.4909024143 
7  'crystal symmetry operation' 52_555 x,-y,-z 0.5459416144  0.7638659014  -0.3441753017 6.8393092679  0.7638659014  -0.6225658784 -0.1700606120 -0.5797670085  -0.3441753017 -0.1700606120 -0.9233757361 29.4335721141 
8  'crystal symmetry operation' 75_555 -x,y,-z -0.8846504361 -0.0236385068 0.4656552661  28.1088097783 -0.0236385068 -0.9951557771 -0.0954264134 15.0007294569  0.4656552661  -0.0954264134 0.8798062132  -6.2014634303 
9  'crystal symmetry operation' 54_555 z,-x,-y -0.4741207574 0.6661314944  0.5757415563  14.9186218088 -0.3514927408 0.4563412154  -0.8174384064 19.3230474627  -0.8072560688 -0.5899334940 0.0177795420  29.5961784884 
10 'crystal symmetry operation' 36_555 -y,-z,x -0.4741207574 -0.3514927408 -0.8072560688 37.7568338817 0.6661314944  0.4563412154  -0.5899334940 -1.2958898202  0.5757415563  -0.8174384064 0.0177795420  6.6799240895  
11 'crystal symmetry operation' 31_555 -z,-x,y 0.0518368588  -0.8747863801 -0.4817278582 28.2358928702 0.4380310897  -0.4135817132 0.7981722439  -7.4056239622  -0.8974640408 -0.2523865206 0.3617448544  24.9404439837 
12 'crystal symmetry operation' 26_555 -x,-y,z -0.6612911783 -0.7402273946 -0.1214799644 35.7780145335 -0.7402273946 0.6177216554  0.2654870254  12.6072766660  -0.1214799644 0.2654870254  -0.9564304771 22.9344616555 
# 
loop_
_pdbx_struct_special_symmetry.id 
_pdbx_struct_special_symmetry.PDB_model_num 
_pdbx_struct_special_symmetry.auth_asym_id 
_pdbx_struct_special_symmetry.auth_comp_id 
_pdbx_struct_special_symmetry.auth_seq_id 
_pdbx_struct_special_symmetry.PDB_ins_code 
_pdbx_struct_special_symmetry.label_asym_id 
_pdbx_struct_special_symmetry.label_comp_id 
_pdbx_struct_special_symmetry.label_seq_id 
1 1 A NA  103  ? D NA  . 
2 1 A CL  105  ? E CL  . 
3 1 A SO4 300  ? F SO4 . 
4 1 A SO4 300  ? F SO4 . 
5 1 A HOH 2001 ? H HOH . 
6 1 A HOH 2006 ? H HOH . 
7 1 A HOH 2026 ? H HOH . 
8 1 A HOH 2048 ? H HOH . 
9 1 A HOH 2068 ? H HOH . 
# 
loop_
_pdbx_struct_conn_angle.id 
_pdbx_struct_conn_angle.ptnr1_label_atom_id 
_pdbx_struct_conn_angle.ptnr1_label_alt_id 
_pdbx_struct_conn_angle.ptnr1_label_asym_id 
_pdbx_struct_conn_angle.ptnr1_label_comp_id 
_pdbx_struct_conn_angle.ptnr1_label_seq_id 
_pdbx_struct_conn_angle.ptnr1_auth_atom_id 
_pdbx_struct_conn_angle.ptnr1_auth_asym_id 
_pdbx_struct_conn_angle.ptnr1_auth_comp_id 
_pdbx_struct_conn_angle.ptnr1_auth_seq_id 
_pdbx_struct_conn_angle.ptnr1_PDB_ins_code 
_pdbx_struct_conn_angle.ptnr1_symmetry 
_pdbx_struct_conn_angle.ptnr2_label_atom_id 
_pdbx_struct_conn_angle.ptnr2_label_alt_id 
_pdbx_struct_conn_angle.ptnr2_label_asym_id 
_pdbx_struct_conn_angle.ptnr2_label_comp_id 
_pdbx_struct_conn_angle.ptnr2_label_seq_id 
_pdbx_struct_conn_angle.ptnr2_auth_atom_id 
_pdbx_struct_conn_angle.ptnr2_auth_asym_id 
_pdbx_struct_conn_angle.ptnr2_auth_comp_id 
_pdbx_struct_conn_angle.ptnr2_auth_seq_id 
_pdbx_struct_conn_angle.ptnr2_PDB_ins_code 
_pdbx_struct_conn_angle.ptnr2_symmetry 
_pdbx_struct_conn_angle.ptnr3_label_atom_id 
_pdbx_struct_conn_angle.ptnr3_label_alt_id 
_pdbx_struct_conn_angle.ptnr3_label_asym_id 
_pdbx_struct_conn_angle.ptnr3_label_comp_id 
_pdbx_struct_conn_angle.ptnr3_label_seq_id 
_pdbx_struct_conn_angle.ptnr3_auth_atom_id 
_pdbx_struct_conn_angle.ptnr3_auth_asym_id 
_pdbx_struct_conn_angle.ptnr3_auth_comp_id 
_pdbx_struct_conn_angle.ptnr3_auth_seq_id 
_pdbx_struct_conn_angle.ptnr3_PDB_ins_code 
_pdbx_struct_conn_angle.ptnr3_symmetry 
_pdbx_struct_conn_angle.value 
_pdbx_struct_conn_angle.value_esd 
1  OE2 ? A GLU 13 ? A GLU 14   ? 1_555  MG ? B MG . ? A MG 101 ? 1_555 O ? H HOH . ? A HOH 2016 ? 1_555  92.1  ? 
2  OE2 ? A GLU 13 ? A GLU 14   ? 1_555  MG ? B MG . ? A MG 101 ? 1_555 O ? H HOH . ? A HOH 2019 ? 24_555 94.0  ? 
3  O   ? H HOH .  ? A HOH 2016 ? 1_555  MG ? B MG . ? A MG 101 ? 1_555 O ? H HOH . ? A HOH 2019 ? 24_555 90.5  ? 
4  OE2 ? A GLU 13 ? A GLU 14   ? 1_555  MG ? B MG . ? A MG 101 ? 1_555 O ? H HOH . ? A HOH 2020 ? 24_555 86.8  ? 
5  O   ? H HOH .  ? A HOH 2016 ? 1_555  MG ? B MG . ? A MG 101 ? 1_555 O ? H HOH . ? A HOH 2020 ? 24_555 173.8 ? 
6  O   ? H HOH .  ? A HOH 2019 ? 24_555 MG ? B MG . ? A MG 101 ? 1_555 O ? H HOH . ? A HOH 2020 ? 24_555 95.7  ? 
7  OE2 ? A GLU 13 ? A GLU 14   ? 1_555  MG ? B MG . ? A MG 101 ? 1_555 O ? H HOH . ? A HOH 2027 ? 24_555 170.3 ? 
8  O   ? H HOH .  ? A HOH 2016 ? 1_555  MG ? B MG . ? A MG 101 ? 1_555 O ? H HOH . ? A HOH 2027 ? 24_555 90.8  ? 
9  O   ? H HOH .  ? A HOH 2019 ? 24_555 MG ? B MG . ? A MG 101 ? 1_555 O ? H HOH . ? A HOH 2027 ? 24_555 95.2  ? 
10 O   ? H HOH .  ? A HOH 2020 ? 24_555 MG ? B MG . ? A MG 101 ? 1_555 O ? H HOH . ? A HOH 2027 ? 24_555 89.4  ? 
11 OE2 ? A GLU 13 ? A GLU 14   ? 1_555  MG ? B MG . ? A MG 101 ? 1_555 O ? H HOH . ? A HOH 2053 ? 1_555  84.3  ? 
12 O   ? H HOH .  ? A HOH 2016 ? 1_555  MG ? B MG . ? A MG 101 ? 1_555 O ? H HOH . ? A HOH 2053 ? 1_555  87.5  ? 
13 O   ? H HOH .  ? A HOH 2019 ? 24_555 MG ? B MG . ? A MG 101 ? 1_555 O ? H HOH . ? A HOH 2053 ? 1_555  177.3 ? 
14 O   ? H HOH .  ? A HOH 2020 ? 24_555 MG ? B MG . ? A MG 101 ? 1_555 O ? H HOH . ? A HOH 2053 ? 1_555  86.3  ? 
15 O   ? H HOH .  ? A HOH 2027 ? 24_555 MG ? B MG . ? A MG 101 ? 1_555 O ? H HOH . ? A HOH 2053 ? 1_555  86.6  ? 
16 OD2 ? A ASP 40 ? A ASP 41   ? 80_555 MG ? C MG . ? A MG 102 ? 1_555 O ? H HOH . ? A HOH 2041 ? 1_555  76.0  ? 
17 OD2 ? A ASP 40 ? A ASP 41   ? 80_555 MG ? C MG . ? A MG 102 ? 1_555 O ? H HOH . ? A HOH 2064 ? 80_555 87.1  ? 
18 O   ? H HOH .  ? A HOH 2041 ? 1_555  MG ? C MG . ? A MG 102 ? 1_555 O ? H HOH . ? A HOH 2064 ? 80_555 87.0  ? 
19 OD2 ? A ASP 40 ? A ASP 41   ? 80_555 MG ? C MG . ? A MG 102 ? 1_555 O ? H HOH . ? A HOH 2069 ? 75_555 166.2 ? 
20 O   ? H HOH .  ? A HOH 2041 ? 1_555  MG ? C MG . ? A MG 102 ? 1_555 O ? H HOH . ? A HOH 2069 ? 75_555 90.4  ? 
21 O   ? H HOH .  ? A HOH 2064 ? 80_555 MG ? C MG . ? A MG 102 ? 1_555 O ? H HOH . ? A HOH 2069 ? 75_555 94.8  ? 
22 O   ? H HOH .  ? A HOH 2066 ? 80_555 NA ? D NA . ? A NA 103 ? 1_555 O ? H HOH . ? A HOH 2066 ? 1_555  119.1 ? 
23 O   ? H HOH .  ? A HOH 2066 ? 80_555 NA ? D NA . ? A NA 103 ? 1_555 O ? H HOH . ? A HOH 2066 ? 59_555 119.1 ? 
24 O   ? H HOH .  ? A HOH 2066 ? 1_555  NA ? D NA . ? A NA 103 ? 1_555 O ? H HOH . ? A HOH 2066 ? 59_555 119.1 ? 
# 
loop_
_pdbx_audit_revision_history.ordinal 
_pdbx_audit_revision_history.data_content_type 
_pdbx_audit_revision_history.major_revision 
_pdbx_audit_revision_history.minor_revision 
_pdbx_audit_revision_history.revision_date 
1 'Structure model' 1 0 2006-10-11 
2 'Structure model' 1 1 2011-05-08 
3 'Structure model' 1 2 2011-07-13 
4 'Structure model' 1 3 2023-12-13 
# 
_pdbx_audit_revision_details.ordinal             1 
_pdbx_audit_revision_details.revision_ordinal    1 
_pdbx_audit_revision_details.data_content_type   'Structure model' 
_pdbx_audit_revision_details.provider            repository 
_pdbx_audit_revision_details.type                'Initial release' 
_pdbx_audit_revision_details.description         ? 
_pdbx_audit_revision_details.details             ? 
# 
loop_
_pdbx_audit_revision_group.ordinal 
_pdbx_audit_revision_group.revision_ordinal 
_pdbx_audit_revision_group.data_content_type 
_pdbx_audit_revision_group.group 
1 2 'Structure model' 'Version format compliance' 
2 3 'Structure model' 'Version format compliance' 
3 4 'Structure model' 'Data collection'           
4 4 'Structure model' 'Database references'       
5 4 'Structure model' 'Derived calculations'      
6 4 'Structure model' Other                       
7 4 'Structure model' 'Refinement description'    
# 
loop_
_pdbx_audit_revision_category.ordinal 
_pdbx_audit_revision_category.revision_ordinal 
_pdbx_audit_revision_category.data_content_type 
_pdbx_audit_revision_category.category 
1 4 'Structure model' chem_comp_atom                
2 4 'Structure model' chem_comp_bond                
3 4 'Structure model' database_2                    
4 4 'Structure model' pdbx_database_status          
5 4 'Structure model' pdbx_initial_refinement_model 
6 4 'Structure model' pdbx_struct_conn_angle        
7 4 'Structure model' struct_conn                   
8 4 'Structure model' struct_site                   
# 
loop_
_pdbx_audit_revision_item.ordinal 
_pdbx_audit_revision_item.revision_ordinal 
_pdbx_audit_revision_item.data_content_type 
_pdbx_audit_revision_item.item 
1  4 'Structure model' '_database_2.pdbx_DOI'                        
2  4 'Structure model' '_database_2.pdbx_database_accession'         
3  4 'Structure model' '_pdbx_database_status.status_code_sf'        
4  4 'Structure model' '_pdbx_struct_conn_angle.ptnr1_auth_comp_id'  
5  4 'Structure model' '_pdbx_struct_conn_angle.ptnr1_auth_seq_id'   
6  4 'Structure model' '_pdbx_struct_conn_angle.ptnr1_label_asym_id' 
7  4 'Structure model' '_pdbx_struct_conn_angle.ptnr1_label_atom_id' 
8  4 'Structure model' '_pdbx_struct_conn_angle.ptnr1_label_comp_id' 
9  4 'Structure model' '_pdbx_struct_conn_angle.ptnr1_label_seq_id'  
10 4 'Structure model' '_pdbx_struct_conn_angle.ptnr1_symmetry'      
11 4 'Structure model' '_pdbx_struct_conn_angle.ptnr3_auth_comp_id'  
12 4 'Structure model' '_pdbx_struct_conn_angle.ptnr3_auth_seq_id'   
13 4 'Structure model' '_pdbx_struct_conn_angle.ptnr3_label_asym_id' 
14 4 'Structure model' '_pdbx_struct_conn_angle.ptnr3_label_atom_id' 
15 4 'Structure model' '_pdbx_struct_conn_angle.ptnr3_label_comp_id' 
16 4 'Structure model' '_pdbx_struct_conn_angle.ptnr3_label_seq_id'  
17 4 'Structure model' '_pdbx_struct_conn_angle.ptnr3_symmetry'      
18 4 'Structure model' '_pdbx_struct_conn_angle.value'               
19 4 'Structure model' '_struct_conn.pdbx_dist_value'                
20 4 'Structure model' '_struct_conn.ptnr1_auth_comp_id'             
21 4 'Structure model' '_struct_conn.ptnr1_auth_seq_id'              
22 4 'Structure model' '_struct_conn.ptnr1_label_asym_id'            
23 4 'Structure model' '_struct_conn.ptnr1_label_atom_id'            
24 4 'Structure model' '_struct_conn.ptnr1_label_comp_id'            
25 4 'Structure model' '_struct_conn.ptnr1_label_seq_id'             
26 4 'Structure model' '_struct_conn.ptnr1_symmetry'                 
27 4 'Structure model' '_struct_conn.ptnr2_auth_comp_id'             
28 4 'Structure model' '_struct_conn.ptnr2_auth_seq_id'              
29 4 'Structure model' '_struct_conn.ptnr2_label_asym_id'            
30 4 'Structure model' '_struct_conn.ptnr2_label_atom_id'            
31 4 'Structure model' '_struct_conn.ptnr2_label_comp_id'            
32 4 'Structure model' '_struct_conn.ptnr2_label_seq_id'             
33 4 'Structure model' '_struct_conn.ptnr2_symmetry'                 
34 4 'Structure model' '_struct_site.pdbx_auth_asym_id'              
35 4 'Structure model' '_struct_site.pdbx_auth_comp_id'              
36 4 'Structure model' '_struct_site.pdbx_auth_seq_id'               
# 
loop_
_software.name 
_software.classification 
_software.version 
_software.citation_id 
_software.pdbx_ordinal 
REFMAC refinement       5.2.0005 ? 1 
XDS    'data reduction' .        ? 2 
XSCALE 'data scaling'   .        ? 3 
# 
loop_
_pdbx_validate_close_contact.id 
_pdbx_validate_close_contact.PDB_model_num 
_pdbx_validate_close_contact.auth_atom_id_1 
_pdbx_validate_close_contact.auth_asym_id_1 
_pdbx_validate_close_contact.auth_comp_id_1 
_pdbx_validate_close_contact.auth_seq_id_1 
_pdbx_validate_close_contact.PDB_ins_code_1 
_pdbx_validate_close_contact.label_alt_id_1 
_pdbx_validate_close_contact.auth_atom_id_2 
_pdbx_validate_close_contact.auth_asym_id_2 
_pdbx_validate_close_contact.auth_comp_id_2 
_pdbx_validate_close_contact.auth_seq_id_2 
_pdbx_validate_close_contact.PDB_ins_code_2 
_pdbx_validate_close_contact.label_alt_id_2 
_pdbx_validate_close_contact.dist 
1 1 O   A HOH 2023 ? ? O A HOH 2028 ? ? 2.10 
2 1 N6A A FAD 1066 ? ? O A HOH 2069 ? ? 2.16 
# 
loop_
_pdbx_unobs_or_zero_occ_atoms.id 
_pdbx_unobs_or_zero_occ_atoms.PDB_model_num 
_pdbx_unobs_or_zero_occ_atoms.polymer_flag 
_pdbx_unobs_or_zero_occ_atoms.occupancy_flag 
_pdbx_unobs_or_zero_occ_atoms.auth_asym_id 
_pdbx_unobs_or_zero_occ_atoms.auth_comp_id 
_pdbx_unobs_or_zero_occ_atoms.auth_seq_id 
_pdbx_unobs_or_zero_occ_atoms.PDB_ins_code 
_pdbx_unobs_or_zero_occ_atoms.auth_atom_id 
_pdbx_unobs_or_zero_occ_atoms.label_alt_id 
_pdbx_unobs_or_zero_occ_atoms.label_asym_id 
_pdbx_unobs_or_zero_occ_atoms.label_comp_id 
_pdbx_unobs_or_zero_occ_atoms.label_seq_id 
_pdbx_unobs_or_zero_occ_atoms.label_atom_id 
1  1 N 1 A FAD 1066 ? PA  ? G FAD 1 PA  
2  1 N 1 A FAD 1066 ? O1A ? G FAD 1 O1A 
3  1 N 1 A FAD 1066 ? O2A ? G FAD 1 O2A 
4  1 N 1 A FAD 1066 ? O5B ? G FAD 1 O5B 
5  1 N 1 A FAD 1066 ? C5B ? G FAD 1 C5B 
6  1 N 1 A FAD 1066 ? C4B ? G FAD 1 C4B 
7  1 N 1 A FAD 1066 ? O4B ? G FAD 1 O4B 
8  1 N 1 A FAD 1066 ? C3B ? G FAD 1 C3B 
9  1 N 1 A FAD 1066 ? O3B ? G FAD 1 O3B 
10 1 N 1 A FAD 1066 ? C2B ? G FAD 1 C2B 
11 1 N 1 A FAD 1066 ? O2B ? G FAD 1 O2B 
12 1 N 1 A FAD 1066 ? P   ? G FAD 1 P   
13 1 N 1 A FAD 1066 ? O1P ? G FAD 1 O1P 
14 1 N 1 A FAD 1066 ? O2P ? G FAD 1 O2P 
15 1 N 1 A FAD 1066 ? O3P ? G FAD 1 O3P 
# 
loop_
_chem_comp_atom.comp_id 
_chem_comp_atom.atom_id 
_chem_comp_atom.type_symbol 
_chem_comp_atom.pdbx_aromatic_flag 
_chem_comp_atom.pdbx_stereo_config 
_chem_comp_atom.pdbx_ordinal 
ALA N      N  N N 1   
ALA CA     C  N S 2   
ALA C      C  N N 3   
ALA O      O  N N 4   
ALA CB     C  N N 5   
ALA OXT    O  N N 6   
ALA H      H  N N 7   
ALA H2     H  N N 8   
ALA HA     H  N N 9   
ALA HB1    H  N N 10  
ALA HB2    H  N N 11  
ALA HB3    H  N N 12  
ALA HXT    H  N N 13  
ARG N      N  N N 14  
ARG CA     C  N S 15  
ARG C      C  N N 16  
ARG O      O  N N 17  
ARG CB     C  N N 18  
ARG CG     C  N N 19  
ARG CD     C  N N 20  
ARG NE     N  N N 21  
ARG CZ     C  N N 22  
ARG NH1    N  N N 23  
ARG NH2    N  N N 24  
ARG OXT    O  N N 25  
ARG H      H  N N 26  
ARG H2     H  N N 27  
ARG HA     H  N N 28  
ARG HB2    H  N N 29  
ARG HB3    H  N N 30  
ARG HG2    H  N N 31  
ARG HG3    H  N N 32  
ARG HD2    H  N N 33  
ARG HD3    H  N N 34  
ARG HE     H  N N 35  
ARG HH11   H  N N 36  
ARG HH12   H  N N 37  
ARG HH21   H  N N 38  
ARG HH22   H  N N 39  
ARG HXT    H  N N 40  
ASN N      N  N N 41  
ASN CA     C  N S 42  
ASN C      C  N N 43  
ASN O      O  N N 44  
ASN CB     C  N N 45  
ASN CG     C  N N 46  
ASN OD1    O  N N 47  
ASN ND2    N  N N 48  
ASN OXT    O  N N 49  
ASN H      H  N N 50  
ASN H2     H  N N 51  
ASN HA     H  N N 52  
ASN HB2    H  N N 53  
ASN HB3    H  N N 54  
ASN HD21   H  N N 55  
ASN HD22   H  N N 56  
ASN HXT    H  N N 57  
ASP N      N  N N 58  
ASP CA     C  N S 59  
ASP C      C  N N 60  
ASP O      O  N N 61  
ASP CB     C  N N 62  
ASP CG     C  N N 63  
ASP OD1    O  N N 64  
ASP OD2    O  N N 65  
ASP OXT    O  N N 66  
ASP H      H  N N 67  
ASP H2     H  N N 68  
ASP HA     H  N N 69  
ASP HB2    H  N N 70  
ASP HB3    H  N N 71  
ASP HD2    H  N N 72  
ASP HXT    H  N N 73  
CL  CL     CL N N 74  
FAD PA     P  N R 75  
FAD O1A    O  N N 76  
FAD O2A    O  N N 77  
FAD O5B    O  N N 78  
FAD C5B    C  N N 79  
FAD C4B    C  N R 80  
FAD O4B    O  N N 81  
FAD C3B    C  N S 82  
FAD O3B    O  N N 83  
FAD C2B    C  N R 84  
FAD O2B    O  N N 85  
FAD C1B    C  N R 86  
FAD N9A    N  Y N 87  
FAD C8A    C  Y N 88  
FAD N7A    N  Y N 89  
FAD C5A    C  Y N 90  
FAD C6A    C  Y N 91  
FAD N6A    N  N N 92  
FAD N1A    N  Y N 93  
FAD C2A    C  Y N 94  
FAD N3A    N  Y N 95  
FAD C4A    C  Y N 96  
FAD N1     N  N N 97  
FAD C2     C  N N 98  
FAD O2     O  N N 99  
FAD N3     N  N N 100 
FAD C4     C  N N 101 
FAD O4     O  N N 102 
FAD C4X    C  N N 103 
FAD N5     N  N N 104 
FAD C5X    C  Y N 105 
FAD C6     C  Y N 106 
FAD C7     C  Y N 107 
FAD C7M    C  N N 108 
FAD C8     C  Y N 109 
FAD C8M    C  N N 110 
FAD C9     C  Y N 111 
FAD C9A    C  Y N 112 
FAD N10    N  N N 113 
FAD C10    C  N N 114 
FAD "C1'"  C  N N 115 
FAD "C2'"  C  N S 116 
FAD "O2'"  O  N N 117 
FAD "C3'"  C  N S 118 
FAD "O3'"  O  N N 119 
FAD "C4'"  C  N R 120 
FAD "O4'"  O  N N 121 
FAD "C5'"  C  N N 122 
FAD "O5'"  O  N N 123 
FAD P      P  N R 124 
FAD O1P    O  N N 125 
FAD O2P    O  N N 126 
FAD O3P    O  N N 127 
FAD HOA2   H  N N 128 
FAD H51A   H  N N 129 
FAD H52A   H  N N 130 
FAD H4B    H  N N 131 
FAD H3B    H  N N 132 
FAD HO3A   H  N N 133 
FAD H2B    H  N N 134 
FAD HO2A   H  N N 135 
FAD H1B    H  N N 136 
FAD H8A    H  N N 137 
FAD H61A   H  N N 138 
FAD H62A   H  N N 139 
FAD H2A    H  N N 140 
FAD HN3    H  N N 141 
FAD H6     H  N N 142 
FAD HM71   H  N N 143 
FAD HM72   H  N N 144 
FAD HM73   H  N N 145 
FAD HM81   H  N N 146 
FAD HM82   H  N N 147 
FAD HM83   H  N N 148 
FAD H9     H  N N 149 
FAD "H1'1" H  N N 150 
FAD "H1'2" H  N N 151 
FAD "H2'"  H  N N 152 
FAD "HO2'" H  N N 153 
FAD "H3'"  H  N N 154 
FAD "HO3'" H  N N 155 
FAD "H4'"  H  N N 156 
FAD "HO4'" H  N N 157 
FAD "H5'1" H  N N 158 
FAD "H5'2" H  N N 159 
FAD HOP2   H  N N 160 
GLN N      N  N N 161 
GLN CA     C  N S 162 
GLN C      C  N N 163 
GLN O      O  N N 164 
GLN CB     C  N N 165 
GLN CG     C  N N 166 
GLN CD     C  N N 167 
GLN OE1    O  N N 168 
GLN NE2    N  N N 169 
GLN OXT    O  N N 170 
GLN H      H  N N 171 
GLN H2     H  N N 172 
GLN HA     H  N N 173 
GLN HB2    H  N N 174 
GLN HB3    H  N N 175 
GLN HG2    H  N N 176 
GLN HG3    H  N N 177 
GLN HE21   H  N N 178 
GLN HE22   H  N N 179 
GLN HXT    H  N N 180 
GLU N      N  N N 181 
GLU CA     C  N S 182 
GLU C      C  N N 183 
GLU O      O  N N 184 
GLU CB     C  N N 185 
GLU CG     C  N N 186 
GLU CD     C  N N 187 
GLU OE1    O  N N 188 
GLU OE2    O  N N 189 
GLU OXT    O  N N 190 
GLU H      H  N N 191 
GLU H2     H  N N 192 
GLU HA     H  N N 193 
GLU HB2    H  N N 194 
GLU HB3    H  N N 195 
GLU HG2    H  N N 196 
GLU HG3    H  N N 197 
GLU HE2    H  N N 198 
GLU HXT    H  N N 199 
GLY N      N  N N 200 
GLY CA     C  N N 201 
GLY C      C  N N 202 
GLY O      O  N N 203 
GLY OXT    O  N N 204 
GLY H      H  N N 205 
GLY H2     H  N N 206 
GLY HA2    H  N N 207 
GLY HA3    H  N N 208 
GLY HXT    H  N N 209 
HOH O      O  N N 210 
HOH H1     H  N N 211 
HOH H2     H  N N 212 
ILE N      N  N N 213 
ILE CA     C  N S 214 
ILE C      C  N N 215 
ILE O      O  N N 216 
ILE CB     C  N S 217 
ILE CG1    C  N N 218 
ILE CG2    C  N N 219 
ILE CD1    C  N N 220 
ILE OXT    O  N N 221 
ILE H      H  N N 222 
ILE H2     H  N N 223 
ILE HA     H  N N 224 
ILE HB     H  N N 225 
ILE HG12   H  N N 226 
ILE HG13   H  N N 227 
ILE HG21   H  N N 228 
ILE HG22   H  N N 229 
ILE HG23   H  N N 230 
ILE HD11   H  N N 231 
ILE HD12   H  N N 232 
ILE HD13   H  N N 233 
ILE HXT    H  N N 234 
LEU N      N  N N 235 
LEU CA     C  N S 236 
LEU C      C  N N 237 
LEU O      O  N N 238 
LEU CB     C  N N 239 
LEU CG     C  N N 240 
LEU CD1    C  N N 241 
LEU CD2    C  N N 242 
LEU OXT    O  N N 243 
LEU H      H  N N 244 
LEU H2     H  N N 245 
LEU HA     H  N N 246 
LEU HB2    H  N N 247 
LEU HB3    H  N N 248 
LEU HG     H  N N 249 
LEU HD11   H  N N 250 
LEU HD12   H  N N 251 
LEU HD13   H  N N 252 
LEU HD21   H  N N 253 
LEU HD22   H  N N 254 
LEU HD23   H  N N 255 
LEU HXT    H  N N 256 
LYS N      N  N N 257 
LYS CA     C  N S 258 
LYS C      C  N N 259 
LYS O      O  N N 260 
LYS CB     C  N N 261 
LYS CG     C  N N 262 
LYS CD     C  N N 263 
LYS CE     C  N N 264 
LYS NZ     N  N N 265 
LYS OXT    O  N N 266 
LYS H      H  N N 267 
LYS H2     H  N N 268 
LYS HA     H  N N 269 
LYS HB2    H  N N 270 
LYS HB3    H  N N 271 
LYS HG2    H  N N 272 
LYS HG3    H  N N 273 
LYS HD2    H  N N 274 
LYS HD3    H  N N 275 
LYS HE2    H  N N 276 
LYS HE3    H  N N 277 
LYS HZ1    H  N N 278 
LYS HZ2    H  N N 279 
LYS HZ3    H  N N 280 
LYS HXT    H  N N 281 
MG  MG     MG N N 282 
NA  NA     NA N N 283 
PHE N      N  N N 284 
PHE CA     C  N S 285 
PHE C      C  N N 286 
PHE O      O  N N 287 
PHE CB     C  N N 288 
PHE CG     C  Y N 289 
PHE CD1    C  Y N 290 
PHE CD2    C  Y N 291 
PHE CE1    C  Y N 292 
PHE CE2    C  Y N 293 
PHE CZ     C  Y N 294 
PHE OXT    O  N N 295 
PHE H      H  N N 296 
PHE H2     H  N N 297 
PHE HA     H  N N 298 
PHE HB2    H  N N 299 
PHE HB3    H  N N 300 
PHE HD1    H  N N 301 
PHE HD2    H  N N 302 
PHE HE1    H  N N 303 
PHE HE2    H  N N 304 
PHE HZ     H  N N 305 
PHE HXT    H  N N 306 
SER N      N  N N 307 
SER CA     C  N S 308 
SER C      C  N N 309 
SER O      O  N N 310 
SER CB     C  N N 311 
SER OG     O  N N 312 
SER OXT    O  N N 313 
SER H      H  N N 314 
SER H2     H  N N 315 
SER HA     H  N N 316 
SER HB2    H  N N 317 
SER HB3    H  N N 318 
SER HG     H  N N 319 
SER HXT    H  N N 320 
SO4 S      S  N N 321 
SO4 O1     O  N N 322 
SO4 O2     O  N N 323 
SO4 O3     O  N N 324 
SO4 O4     O  N N 325 
THR N      N  N N 326 
THR CA     C  N S 327 
THR C      C  N N 328 
THR O      O  N N 329 
THR CB     C  N R 330 
THR OG1    O  N N 331 
THR CG2    C  N N 332 
THR OXT    O  N N 333 
THR H      H  N N 334 
THR H2     H  N N 335 
THR HA     H  N N 336 
THR HB     H  N N 337 
THR HG1    H  N N 338 
THR HG21   H  N N 339 
THR HG22   H  N N 340 
THR HG23   H  N N 341 
THR HXT    H  N N 342 
TRP N      N  N N 343 
TRP CA     C  N S 344 
TRP C      C  N N 345 
TRP O      O  N N 346 
TRP CB     C  N N 347 
TRP CG     C  Y N 348 
TRP CD1    C  Y N 349 
TRP CD2    C  Y N 350 
TRP NE1    N  Y N 351 
TRP CE2    C  Y N 352 
TRP CE3    C  Y N 353 
TRP CZ2    C  Y N 354 
TRP CZ3    C  Y N 355 
TRP CH2    C  Y N 356 
TRP OXT    O  N N 357 
TRP H      H  N N 358 
TRP H2     H  N N 359 
TRP HA     H  N N 360 
TRP HB2    H  N N 361 
TRP HB3    H  N N 362 
TRP HD1    H  N N 363 
TRP HE1    H  N N 364 
TRP HE3    H  N N 365 
TRP HZ2    H  N N 366 
TRP HZ3    H  N N 367 
TRP HH2    H  N N 368 
TRP HXT    H  N N 369 
TYR N      N  N N 370 
TYR CA     C  N S 371 
TYR C      C  N N 372 
TYR O      O  N N 373 
TYR CB     C  N N 374 
TYR CG     C  Y N 375 
TYR CD1    C  Y N 376 
TYR CD2    C  Y N 377 
TYR CE1    C  Y N 378 
TYR CE2    C  Y N 379 
TYR CZ     C  Y N 380 
TYR OH     O  N N 381 
TYR OXT    O  N N 382 
TYR H      H  N N 383 
TYR H2     H  N N 384 
TYR HA     H  N N 385 
TYR HB2    H  N N 386 
TYR HB3    H  N N 387 
TYR HD1    H  N N 388 
TYR HD2    H  N N 389 
TYR HE1    H  N N 390 
TYR HE2    H  N N 391 
TYR HH     H  N N 392 
TYR HXT    H  N N 393 
VAL N      N  N N 394 
VAL CA     C  N S 395 
VAL C      C  N N 396 
VAL O      O  N N 397 
VAL CB     C  N N 398 
VAL CG1    C  N N 399 
VAL CG2    C  N N 400 
VAL OXT    O  N N 401 
VAL H      H  N N 402 
VAL H2     H  N N 403 
VAL HA     H  N N 404 
VAL HB     H  N N 405 
VAL HG11   H  N N 406 
VAL HG12   H  N N 407 
VAL HG13   H  N N 408 
VAL HG21   H  N N 409 
VAL HG22   H  N N 410 
VAL HG23   H  N N 411 
VAL HXT    H  N N 412 
# 
loop_
_chem_comp_bond.comp_id 
_chem_comp_bond.atom_id_1 
_chem_comp_bond.atom_id_2 
_chem_comp_bond.value_order 
_chem_comp_bond.pdbx_aromatic_flag 
_chem_comp_bond.pdbx_stereo_config 
_chem_comp_bond.pdbx_ordinal 
ALA N     CA     sing N N 1   
ALA N     H      sing N N 2   
ALA N     H2     sing N N 3   
ALA CA    C      sing N N 4   
ALA CA    CB     sing N N 5   
ALA CA    HA     sing N N 6   
ALA C     O      doub N N 7   
ALA C     OXT    sing N N 8   
ALA CB    HB1    sing N N 9   
ALA CB    HB2    sing N N 10  
ALA CB    HB3    sing N N 11  
ALA OXT   HXT    sing N N 12  
ARG N     CA     sing N N 13  
ARG N     H      sing N N 14  
ARG N     H2     sing N N 15  
ARG CA    C      sing N N 16  
ARG CA    CB     sing N N 17  
ARG CA    HA     sing N N 18  
ARG C     O      doub N N 19  
ARG C     OXT    sing N N 20  
ARG CB    CG     sing N N 21  
ARG CB    HB2    sing N N 22  
ARG CB    HB3    sing N N 23  
ARG CG    CD     sing N N 24  
ARG CG    HG2    sing N N 25  
ARG CG    HG3    sing N N 26  
ARG CD    NE     sing N N 27  
ARG CD    HD2    sing N N 28  
ARG CD    HD3    sing N N 29  
ARG NE    CZ     sing N N 30  
ARG NE    HE     sing N N 31  
ARG CZ    NH1    sing N N 32  
ARG CZ    NH2    doub N N 33  
ARG NH1   HH11   sing N N 34  
ARG NH1   HH12   sing N N 35  
ARG NH2   HH21   sing N N 36  
ARG NH2   HH22   sing N N 37  
ARG OXT   HXT    sing N N 38  
ASN N     CA     sing N N 39  
ASN N     H      sing N N 40  
ASN N     H2     sing N N 41  
ASN CA    C      sing N N 42  
ASN CA    CB     sing N N 43  
ASN CA    HA     sing N N 44  
ASN C     O      doub N N 45  
ASN C     OXT    sing N N 46  
ASN CB    CG     sing N N 47  
ASN CB    HB2    sing N N 48  
ASN CB    HB3    sing N N 49  
ASN CG    OD1    doub N N 50  
ASN CG    ND2    sing N N 51  
ASN ND2   HD21   sing N N 52  
ASN ND2   HD22   sing N N 53  
ASN OXT   HXT    sing N N 54  
ASP N     CA     sing N N 55  
ASP N     H      sing N N 56  
ASP N     H2     sing N N 57  
ASP CA    C      sing N N 58  
ASP CA    CB     sing N N 59  
ASP CA    HA     sing N N 60  
ASP C     O      doub N N 61  
ASP C     OXT    sing N N 62  
ASP CB    CG     sing N N 63  
ASP CB    HB2    sing N N 64  
ASP CB    HB3    sing N N 65  
ASP CG    OD1    doub N N 66  
ASP CG    OD2    sing N N 67  
ASP OD2   HD2    sing N N 68  
ASP OXT   HXT    sing N N 69  
FAD PA    O1A    doub N N 70  
FAD PA    O2A    sing N N 71  
FAD PA    O5B    sing N N 72  
FAD PA    O3P    sing N N 73  
FAD O2A   HOA2   sing N N 74  
FAD O5B   C5B    sing N N 75  
FAD C5B   C4B    sing N N 76  
FAD C5B   H51A   sing N N 77  
FAD C5B   H52A   sing N N 78  
FAD C4B   O4B    sing N N 79  
FAD C4B   C3B    sing N N 80  
FAD C4B   H4B    sing N N 81  
FAD O4B   C1B    sing N N 82  
FAD C3B   O3B    sing N N 83  
FAD C3B   C2B    sing N N 84  
FAD C3B   H3B    sing N N 85  
FAD O3B   HO3A   sing N N 86  
FAD C2B   O2B    sing N N 87  
FAD C2B   C1B    sing N N 88  
FAD C2B   H2B    sing N N 89  
FAD O2B   HO2A   sing N N 90  
FAD C1B   N9A    sing N N 91  
FAD C1B   H1B    sing N N 92  
FAD N9A   C8A    sing Y N 93  
FAD N9A   C4A    sing Y N 94  
FAD C8A   N7A    doub Y N 95  
FAD C8A   H8A    sing N N 96  
FAD N7A   C5A    sing Y N 97  
FAD C5A   C6A    sing Y N 98  
FAD C5A   C4A    doub Y N 99  
FAD C6A   N6A    sing N N 100 
FAD C6A   N1A    doub Y N 101 
FAD N6A   H61A   sing N N 102 
FAD N6A   H62A   sing N N 103 
FAD N1A   C2A    sing Y N 104 
FAD C2A   N3A    doub Y N 105 
FAD C2A   H2A    sing N N 106 
FAD N3A   C4A    sing Y N 107 
FAD N1    C2     sing N N 108 
FAD N1    C10    doub N N 109 
FAD C2    O2     doub N N 110 
FAD C2    N3     sing N N 111 
FAD N3    C4     sing N N 112 
FAD N3    HN3    sing N N 113 
FAD C4    O4     doub N N 114 
FAD C4    C4X    sing N N 115 
FAD C4X   N5     doub N N 116 
FAD C4X   C10    sing N N 117 
FAD N5    C5X    sing N N 118 
FAD C5X   C6     doub Y N 119 
FAD C5X   C9A    sing Y N 120 
FAD C6    C7     sing Y N 121 
FAD C6    H6     sing N N 122 
FAD C7    C7M    sing N N 123 
FAD C7    C8     doub Y N 124 
FAD C7M   HM71   sing N N 125 
FAD C7M   HM72   sing N N 126 
FAD C7M   HM73   sing N N 127 
FAD C8    C8M    sing N N 128 
FAD C8    C9     sing Y N 129 
FAD C8M   HM81   sing N N 130 
FAD C8M   HM82   sing N N 131 
FAD C8M   HM83   sing N N 132 
FAD C9    C9A    doub Y N 133 
FAD C9    H9     sing N N 134 
FAD C9A   N10    sing N N 135 
FAD N10   C10    sing N N 136 
FAD N10   "C1'"  sing N N 137 
FAD "C1'" "C2'"  sing N N 138 
FAD "C1'" "H1'1" sing N N 139 
FAD "C1'" "H1'2" sing N N 140 
FAD "C2'" "O2'"  sing N N 141 
FAD "C2'" "C3'"  sing N N 142 
FAD "C2'" "H2'"  sing N N 143 
FAD "O2'" "HO2'" sing N N 144 
FAD "C3'" "O3'"  sing N N 145 
FAD "C3'" "C4'"  sing N N 146 
FAD "C3'" "H3'"  sing N N 147 
FAD "O3'" "HO3'" sing N N 148 
FAD "C4'" "O4'"  sing N N 149 
FAD "C4'" "C5'"  sing N N 150 
FAD "C4'" "H4'"  sing N N 151 
FAD "O4'" "HO4'" sing N N 152 
FAD "C5'" "O5'"  sing N N 153 
FAD "C5'" "H5'1" sing N N 154 
FAD "C5'" "H5'2" sing N N 155 
FAD "O5'" P      sing N N 156 
FAD P     O1P    doub N N 157 
FAD P     O2P    sing N N 158 
FAD P     O3P    sing N N 159 
FAD O2P   HOP2   sing N N 160 
GLN N     CA     sing N N 161 
GLN N     H      sing N N 162 
GLN N     H2     sing N N 163 
GLN CA    C      sing N N 164 
GLN CA    CB     sing N N 165 
GLN CA    HA     sing N N 166 
GLN C     O      doub N N 167 
GLN C     OXT    sing N N 168 
GLN CB    CG     sing N N 169 
GLN CB    HB2    sing N N 170 
GLN CB    HB3    sing N N 171 
GLN CG    CD     sing N N 172 
GLN CG    HG2    sing N N 173 
GLN CG    HG3    sing N N 174 
GLN CD    OE1    doub N N 175 
GLN CD    NE2    sing N N 176 
GLN NE2   HE21   sing N N 177 
GLN NE2   HE22   sing N N 178 
GLN OXT   HXT    sing N N 179 
GLU N     CA     sing N N 180 
GLU N     H      sing N N 181 
GLU N     H2     sing N N 182 
GLU CA    C      sing N N 183 
GLU CA    CB     sing N N 184 
GLU CA    HA     sing N N 185 
GLU C     O      doub N N 186 
GLU C     OXT    sing N N 187 
GLU CB    CG     sing N N 188 
GLU CB    HB2    sing N N 189 
GLU CB    HB3    sing N N 190 
GLU CG    CD     sing N N 191 
GLU CG    HG2    sing N N 192 
GLU CG    HG3    sing N N 193 
GLU CD    OE1    doub N N 194 
GLU CD    OE2    sing N N 195 
GLU OE2   HE2    sing N N 196 
GLU OXT   HXT    sing N N 197 
GLY N     CA     sing N N 198 
GLY N     H      sing N N 199 
GLY N     H2     sing N N 200 
GLY CA    C      sing N N 201 
GLY CA    HA2    sing N N 202 
GLY CA    HA3    sing N N 203 
GLY C     O      doub N N 204 
GLY C     OXT    sing N N 205 
GLY OXT   HXT    sing N N 206 
HOH O     H1     sing N N 207 
HOH O     H2     sing N N 208 
ILE N     CA     sing N N 209 
ILE N     H      sing N N 210 
ILE N     H2     sing N N 211 
ILE CA    C      sing N N 212 
ILE CA    CB     sing N N 213 
ILE CA    HA     sing N N 214 
ILE C     O      doub N N 215 
ILE C     OXT    sing N N 216 
ILE CB    CG1    sing N N 217 
ILE CB    CG2    sing N N 218 
ILE CB    HB     sing N N 219 
ILE CG1   CD1    sing N N 220 
ILE CG1   HG12   sing N N 221 
ILE CG1   HG13   sing N N 222 
ILE CG2   HG21   sing N N 223 
ILE CG2   HG22   sing N N 224 
ILE CG2   HG23   sing N N 225 
ILE CD1   HD11   sing N N 226 
ILE CD1   HD12   sing N N 227 
ILE CD1   HD13   sing N N 228 
ILE OXT   HXT    sing N N 229 
LEU N     CA     sing N N 230 
LEU N     H      sing N N 231 
LEU N     H2     sing N N 232 
LEU CA    C      sing N N 233 
LEU CA    CB     sing N N 234 
LEU CA    HA     sing N N 235 
LEU C     O      doub N N 236 
LEU C     OXT    sing N N 237 
LEU CB    CG     sing N N 238 
LEU CB    HB2    sing N N 239 
LEU CB    HB3    sing N N 240 
LEU CG    CD1    sing N N 241 
LEU CG    CD2    sing N N 242 
LEU CG    HG     sing N N 243 
LEU CD1   HD11   sing N N 244 
LEU CD1   HD12   sing N N 245 
LEU CD1   HD13   sing N N 246 
LEU CD2   HD21   sing N N 247 
LEU CD2   HD22   sing N N 248 
LEU CD2   HD23   sing N N 249 
LEU OXT   HXT    sing N N 250 
LYS N     CA     sing N N 251 
LYS N     H      sing N N 252 
LYS N     H2     sing N N 253 
LYS CA    C      sing N N 254 
LYS CA    CB     sing N N 255 
LYS CA    HA     sing N N 256 
LYS C     O      doub N N 257 
LYS C     OXT    sing N N 258 
LYS CB    CG     sing N N 259 
LYS CB    HB2    sing N N 260 
LYS CB    HB3    sing N N 261 
LYS CG    CD     sing N N 262 
LYS CG    HG2    sing N N 263 
LYS CG    HG3    sing N N 264 
LYS CD    CE     sing N N 265 
LYS CD    HD2    sing N N 266 
LYS CD    HD3    sing N N 267 
LYS CE    NZ     sing N N 268 
LYS CE    HE2    sing N N 269 
LYS CE    HE3    sing N N 270 
LYS NZ    HZ1    sing N N 271 
LYS NZ    HZ2    sing N N 272 
LYS NZ    HZ3    sing N N 273 
LYS OXT   HXT    sing N N 274 
PHE N     CA     sing N N 275 
PHE N     H      sing N N 276 
PHE N     H2     sing N N 277 
PHE CA    C      sing N N 278 
PHE CA    CB     sing N N 279 
PHE CA    HA     sing N N 280 
PHE C     O      doub N N 281 
PHE C     OXT    sing N N 282 
PHE CB    CG     sing N N 283 
PHE CB    HB2    sing N N 284 
PHE CB    HB3    sing N N 285 
PHE CG    CD1    doub Y N 286 
PHE CG    CD2    sing Y N 287 
PHE CD1   CE1    sing Y N 288 
PHE CD1   HD1    sing N N 289 
PHE CD2   CE2    doub Y N 290 
PHE CD2   HD2    sing N N 291 
PHE CE1   CZ     doub Y N 292 
PHE CE1   HE1    sing N N 293 
PHE CE2   CZ     sing Y N 294 
PHE CE2   HE2    sing N N 295 
PHE CZ    HZ     sing N N 296 
PHE OXT   HXT    sing N N 297 
SER N     CA     sing N N 298 
SER N     H      sing N N 299 
SER N     H2     sing N N 300 
SER CA    C      sing N N 301 
SER CA    CB     sing N N 302 
SER CA    HA     sing N N 303 
SER C     O      doub N N 304 
SER C     OXT    sing N N 305 
SER CB    OG     sing N N 306 
SER CB    HB2    sing N N 307 
SER CB    HB3    sing N N 308 
SER OG    HG     sing N N 309 
SER OXT   HXT    sing N N 310 
SO4 S     O1     doub N N 311 
SO4 S     O2     doub N N 312 
SO4 S     O3     sing N N 313 
SO4 S     O4     sing N N 314 
THR N     CA     sing N N 315 
THR N     H      sing N N 316 
THR N     H2     sing N N 317 
THR CA    C      sing N N 318 
THR CA    CB     sing N N 319 
THR CA    HA     sing N N 320 
THR C     O      doub N N 321 
THR C     OXT    sing N N 322 
THR CB    OG1    sing N N 323 
THR CB    CG2    sing N N 324 
THR CB    HB     sing N N 325 
THR OG1   HG1    sing N N 326 
THR CG2   HG21   sing N N 327 
THR CG2   HG22   sing N N 328 
THR CG2   HG23   sing N N 329 
THR OXT   HXT    sing N N 330 
TRP N     CA     sing N N 331 
TRP N     H      sing N N 332 
TRP N     H2     sing N N 333 
TRP CA    C      sing N N 334 
TRP CA    CB     sing N N 335 
TRP CA    HA     sing N N 336 
TRP C     O      doub N N 337 
TRP C     OXT    sing N N 338 
TRP CB    CG     sing N N 339 
TRP CB    HB2    sing N N 340 
TRP CB    HB3    sing N N 341 
TRP CG    CD1    doub Y N 342 
TRP CG    CD2    sing Y N 343 
TRP CD1   NE1    sing Y N 344 
TRP CD1   HD1    sing N N 345 
TRP CD2   CE2    doub Y N 346 
TRP CD2   CE3    sing Y N 347 
TRP NE1   CE2    sing Y N 348 
TRP NE1   HE1    sing N N 349 
TRP CE2   CZ2    sing Y N 350 
TRP CE3   CZ3    doub Y N 351 
TRP CE3   HE3    sing N N 352 
TRP CZ2   CH2    doub Y N 353 
TRP CZ2   HZ2    sing N N 354 
TRP CZ3   CH2    sing Y N 355 
TRP CZ3   HZ3    sing N N 356 
TRP CH2   HH2    sing N N 357 
TRP OXT   HXT    sing N N 358 
TYR N     CA     sing N N 359 
TYR N     H      sing N N 360 
TYR N     H2     sing N N 361 
TYR CA    C      sing N N 362 
TYR CA    CB     sing N N 363 
TYR CA    HA     sing N N 364 
TYR C     O      doub N N 365 
TYR C     OXT    sing N N 366 
TYR CB    CG     sing N N 367 
TYR CB    HB2    sing N N 368 
TYR CB    HB3    sing N N 369 
TYR CG    CD1    doub Y N 370 
TYR CG    CD2    sing Y N 371 
TYR CD1   CE1    sing Y N 372 
TYR CD1   HD1    sing N N 373 
TYR CD2   CE2    doub Y N 374 
TYR CD2   HD2    sing N N 375 
TYR CE1   CZ     doub Y N 376 
TYR CE1   HE1    sing N N 377 
TYR CE2   CZ     sing Y N 378 
TYR CE2   HE2    sing N N 379 
TYR CZ    OH     sing N N 380 
TYR OH    HH     sing N N 381 
TYR OXT   HXT    sing N N 382 
VAL N     CA     sing N N 383 
VAL N     H      sing N N 384 
VAL N     H2     sing N N 385 
VAL CA    C      sing N N 386 
VAL CA    CB     sing N N 387 
VAL CA    HA     sing N N 388 
VAL C     O      doub N N 389 
VAL C     OXT    sing N N 390 
VAL CB    CG1    sing N N 391 
VAL CB    CG2    sing N N 392 
VAL CB    HB     sing N N 393 
VAL CG1   HG11   sing N N 394 
VAL CG1   HG12   sing N N 395 
VAL CG1   HG13   sing N N 396 
VAL CG2   HG21   sing N N 397 
VAL CG2   HG22   sing N N 398 
VAL CG2   HG23   sing N N 399 
VAL OXT   HXT    sing N N 400 
# 
loop_
_pdbx_entity_nonpoly.entity_id 
_pdbx_entity_nonpoly.name 
_pdbx_entity_nonpoly.comp_id 
2 'MAGNESIUM ION'               MG  
3 'SODIUM ION'                  NA  
4 'CHLORIDE ION'                CL  
5 'SULFATE ION'                 SO4 
6 'FLAVIN-ADENINE DINUCLEOTIDE' FAD 
7 water                         HOH 
# 
_pdbx_initial_refinement_model.id               1 
_pdbx_initial_refinement_model.entity_id_list   ? 
_pdbx_initial_refinement_model.type             'experimental model' 
_pdbx_initial_refinement_model.source_name      PDB 
_pdbx_initial_refinement_model.accession_code   2CC9 
_pdbx_initial_refinement_model.details          'PDB ENTRY 2CC9' 
# 
